data_9BQH
#
_entry.id   9BQH
#
_cell.length_a   1.00
_cell.length_b   1.00
_cell.length_c   1.00
_cell.angle_alpha   90.00
_cell.angle_beta   90.00
_cell.angle_gamma   90.00
#
_symmetry.space_group_name_H-M   'P 1'
#
loop_
_entity.id
_entity.type
_entity.pdbx_description
1 polymer 'P2X purinoceptor 4'
2 branched 2-acetamido-2-deoxy-beta-D-glucopyranose-(1-4)-2-acetamido-2-deoxy-beta-D-glucopyranose
3 branched beta-D-mannopyranose-(1-4)-2-acetamido-2-deoxy-beta-D-glucopyranose-(1-4)-2-acetamido-2-deoxy-beta-D-glucopyranose
4 non-polymer 2-acetamido-2-deoxy-beta-D-glucopyranose
5 non-polymer DODECYL-BETA-D-MALTOSIDE
6 water water
#
_entity_poly.entity_id   1
_entity_poly.type   'polypeptide(L)'
_entity_poly.pdbx_seq_one_letter_code
;MAGCCAALAAFLFEYDTPRIVLIRSRKVGLMNRAVQLLILAYVIGWVFVWEKGYQETDSVVSSVTTKVKGVAVTNTSKLG
FRIWDVADYVIPAQEENSLFVMTNVILTMNQTQGLCPEIPDATTVCKSDASCTAGSAGTHSNGVSTGRCVAFNGSVKTCE
VAAWCPVEDDTHVPQPAFLKAAENFTLLVKNNIWYPKFNFSKRNILPNITTTYLKSCIYDAKTDPFCPIFRLGKIVENAG
HSFQDMAVEGGIMGIQVNWDCNLDRAASLCLPRYSFRRLDTRDVEHNVSPGYNFRFAKYYRDLAGNEQRTLIKAYGIRFD
IIVFGKAGKFDIIPTMINIGSGLALLGMATVLCDIIVLYCMKKRLYYREKKYKYVEDYEQGLASELDQ
;
_entity_poly.pdbx_strand_id   A,B,C
#
# COMPACT_ATOMS: atom_id res chain seq x y z
N GLY A 3 60.05 27.03 -1.91
CA GLY A 3 59.37 27.55 -0.75
C GLY A 3 57.91 27.16 -0.69
N CYS A 4 57.59 26.15 0.14
CA CYS A 4 56.21 25.71 0.27
C CYS A 4 55.34 26.82 0.85
N CYS A 5 55.84 27.54 1.85
CA CYS A 5 55.05 28.61 2.45
C CYS A 5 54.77 29.70 1.43
N ALA A 6 55.75 30.05 0.60
CA ALA A 6 55.51 31.05 -0.44
C ALA A 6 54.47 30.56 -1.44
N ALA A 7 54.53 29.28 -1.80
CA ALA A 7 53.53 28.73 -2.72
C ALA A 7 52.14 28.78 -2.11
N LEU A 8 52.02 28.43 -0.83
CA LEU A 8 50.72 28.49 -0.17
C LEU A 8 50.20 29.91 -0.11
N ALA A 9 51.07 30.87 0.21
CA ALA A 9 50.64 32.27 0.24
C ALA A 9 50.19 32.74 -1.14
N ALA A 10 50.91 32.34 -2.18
CA ALA A 10 50.49 32.69 -3.54
C ALA A 10 49.13 32.07 -3.86
N PHE A 11 48.92 30.83 -3.45
CA PHE A 11 47.62 30.18 -3.68
C PHE A 11 46.50 30.93 -2.97
N LEU A 12 46.77 31.41 -1.75
CA LEU A 12 45.72 32.04 -0.95
C LEU A 12 45.52 33.51 -1.30
N PHE A 13 46.57 34.22 -1.68
CA PHE A 13 46.53 35.67 -1.86
C PHE A 13 46.55 36.08 -3.33
N GLU A 14 46.02 35.24 -4.22
CA GLU A 14 45.88 35.58 -5.63
C GLU A 14 44.51 35.16 -6.11
N TYR A 15 43.91 35.99 -6.96
CA TYR A 15 42.61 35.73 -7.53
C TYR A 15 42.76 35.52 -9.03
N ASP A 16 42.16 34.44 -9.55
CA ASP A 16 42.30 34.05 -10.94
C ASP A 16 40.95 34.19 -11.64
N THR A 17 40.93 34.95 -12.73
CA THR A 17 39.73 35.16 -13.51
C THR A 17 40.07 35.04 -14.99
N PRO A 18 39.18 34.49 -15.82
CA PRO A 18 39.51 34.31 -17.23
C PRO A 18 39.56 35.62 -18.01
N ARG A 19 40.34 35.60 -19.08
N ARG A 19 40.34 35.60 -19.09
CA ARG A 19 40.40 36.71 -20.02
CA ARG A 19 40.38 36.72 -20.02
C ARG A 19 39.25 36.60 -21.02
C ARG A 19 39.25 36.60 -21.02
N ILE A 20 38.65 37.74 -21.36
CA ILE A 20 37.45 37.78 -22.19
C ILE A 20 37.72 38.65 -23.42
N VAL A 21 37.18 38.21 -24.56
CA VAL A 21 37.16 38.98 -25.80
C VAL A 21 35.78 39.57 -25.97
N LEU A 22 35.71 40.88 -26.18
CA LEU A 22 34.45 41.60 -26.34
C LEU A 22 34.29 41.96 -27.81
N ILE A 23 33.37 41.29 -28.49
CA ILE A 23 33.08 41.53 -29.91
C ILE A 23 31.83 42.39 -29.99
N ARG A 24 31.94 43.51 -30.71
CA ARG A 24 30.85 44.47 -30.84
C ARG A 24 30.01 44.09 -32.05
N SER A 25 28.89 43.42 -31.81
CA SER A 25 27.96 43.02 -32.86
C SER A 25 26.56 43.04 -32.31
N ARG A 26 25.66 43.77 -32.97
CA ARG A 26 24.29 43.88 -32.49
C ARG A 26 23.56 42.54 -32.57
N LYS A 27 23.65 41.87 -33.72
CA LYS A 27 22.90 40.64 -33.92
C LYS A 27 23.36 39.54 -32.97
N VAL A 28 24.67 39.33 -32.89
CA VAL A 28 25.18 38.24 -32.06
C VAL A 28 24.93 38.53 -30.59
N GLY A 29 25.15 39.78 -30.15
CA GLY A 29 24.87 40.12 -28.78
C GLY A 29 23.41 39.96 -28.41
N LEU A 30 22.52 40.41 -29.29
CA LEU A 30 21.09 40.27 -29.04
C LEU A 30 20.68 38.81 -28.97
N MET A 31 21.22 37.98 -29.87
CA MET A 31 20.91 36.55 -29.82
C MET A 31 21.44 35.92 -28.54
N ASN A 32 22.65 36.29 -28.12
CA ASN A 32 23.20 35.79 -26.87
C ASN A 32 22.29 36.11 -25.70
N ARG A 33 21.85 37.37 -25.61
CA ARG A 33 20.97 37.76 -24.52
C ARG A 33 19.62 37.07 -24.61
N ALA A 34 19.10 36.87 -25.83
CA ALA A 34 17.83 36.18 -25.99
C ALA A 34 17.91 34.74 -25.50
N VAL A 35 18.97 34.03 -25.88
CA VAL A 35 19.12 32.64 -25.43
C VAL A 35 19.31 32.59 -23.92
N GLN A 36 20.10 33.51 -23.36
CA GLN A 36 20.28 33.53 -21.92
C GLN A 36 18.96 33.80 -21.20
N LEU A 37 18.16 34.72 -21.72
CA LEU A 37 16.86 35.01 -21.12
C LEU A 37 15.93 33.80 -21.23
N LEU A 38 16.03 33.07 -22.35
CA LEU A 38 15.20 31.87 -22.59
C LEU A 38 15.58 30.77 -21.60
N ILE A 39 16.87 30.63 -21.27
CA ILE A 39 17.32 29.64 -20.28
C ILE A 39 16.92 30.05 -18.88
N LEU A 40 17.06 31.34 -18.54
CA LEU A 40 16.69 31.80 -17.22
C LEU A 40 15.18 31.69 -16.99
N ALA A 41 14.39 32.04 -18.00
CA ALA A 41 12.94 31.91 -17.88
C ALA A 41 12.56 30.46 -17.67
N TYR A 42 13.15 29.54 -18.44
CA TYR A 42 12.93 28.13 -18.18
C TYR A 42 13.24 27.80 -16.72
N VAL A 43 14.48 28.02 -16.31
CA VAL A 43 14.94 27.55 -15.00
C VAL A 43 14.07 28.11 -13.88
N ILE A 44 13.69 29.37 -13.96
CA ILE A 44 12.89 29.97 -12.90
C ILE A 44 11.44 29.53 -13.04
N GLY A 45 10.78 29.98 -14.12
CA GLY A 45 9.35 29.81 -14.22
C GLY A 45 8.92 28.35 -14.21
N TRP A 46 9.56 27.51 -15.03
CA TRP A 46 9.09 26.14 -15.16
C TRP A 46 9.60 25.28 -14.01
N VAL A 47 10.91 25.28 -13.78
CA VAL A 47 11.48 24.37 -12.80
C VAL A 47 11.10 24.78 -11.38
N PHE A 48 11.20 26.08 -11.06
CA PHE A 48 11.00 26.52 -9.69
C PHE A 48 9.56 26.94 -9.43
N VAL A 49 9.06 27.92 -10.18
CA VAL A 49 7.75 28.49 -9.87
C VAL A 49 6.64 27.50 -10.21
N TRP A 50 6.73 26.85 -11.37
CA TRP A 50 5.62 26.03 -11.84
C TRP A 50 5.67 24.62 -11.25
N GLU A 51 6.80 23.93 -11.45
CA GLU A 51 6.92 22.53 -11.04
C GLU A 51 7.51 22.37 -9.65
N LYS A 52 7.82 23.46 -8.95
CA LYS A 52 8.31 23.41 -7.58
C LYS A 52 9.54 22.51 -7.45
N GLY A 53 10.58 22.88 -8.20
CA GLY A 53 11.84 22.17 -8.16
C GLY A 53 12.66 22.39 -6.91
N TYR A 54 12.17 23.23 -5.99
CA TYR A 54 12.86 23.54 -4.74
C TYR A 54 12.35 22.71 -3.57
N GLN A 55 11.55 21.67 -3.83
CA GLN A 55 10.86 20.93 -2.78
C GLN A 55 11.25 19.46 -2.81
N GLU A 56 11.33 18.87 -1.62
CA GLU A 56 11.36 17.43 -1.46
C GLU A 56 9.93 16.90 -1.24
N THR A 57 9.72 15.64 -1.57
CA THR A 57 8.39 15.05 -1.55
C THR A 57 8.36 13.82 -0.67
N ASP A 58 7.15 13.47 -0.22
CA ASP A 58 6.92 12.31 0.63
C ASP A 58 5.54 11.74 0.32
N SER A 59 5.44 10.42 0.26
CA SER A 59 4.17 9.76 0.01
C SER A 59 3.37 9.64 1.31
N VAL A 60 2.06 9.51 1.15
CA VAL A 60 1.12 9.56 2.26
C VAL A 60 0.96 8.15 2.85
N VAL A 61 0.79 8.10 4.17
CA VAL A 61 0.45 6.88 4.89
C VAL A 61 -0.94 7.07 5.47
N SER A 62 -1.86 6.17 5.13
CA SER A 62 -3.28 6.40 5.37
C SER A 62 -3.90 5.26 6.15
N SER A 63 -4.88 5.60 6.99
CA SER A 63 -5.75 4.62 7.65
C SER A 63 -7.19 5.06 7.44
N VAL A 64 -8.06 4.09 7.16
CA VAL A 64 -9.43 4.36 6.73
C VAL A 64 -10.40 3.60 7.61
N THR A 65 -11.53 4.24 7.93
CA THR A 65 -12.65 3.61 8.62
C THR A 65 -13.92 3.90 7.84
N THR A 66 -14.71 2.86 7.57
CA THR A 66 -15.92 2.99 6.77
C THR A 66 -17.12 2.41 7.52
N LYS A 67 -18.25 3.10 7.43
CA LYS A 67 -19.51 2.64 8.00
C LYS A 67 -20.65 2.95 7.04
N VAL A 68 -21.58 2.01 6.92
CA VAL A 68 -22.76 2.16 6.07
C VAL A 68 -23.99 2.26 6.95
N LYS A 69 -24.97 3.04 6.50
CA LYS A 69 -26.25 3.20 7.19
C LYS A 69 -27.37 2.98 6.20
N GLY A 70 -28.41 2.27 6.63
CA GLY A 70 -29.58 2.03 5.82
C GLY A 70 -30.13 0.63 6.02
N VAL A 71 -31.43 0.49 5.82
CA VAL A 71 -32.12 -0.79 5.97
C VAL A 71 -33.09 -0.95 4.82
N ALA A 72 -33.21 -2.16 4.30
CA ALA A 72 -34.13 -2.49 3.21
C ALA A 72 -35.13 -3.53 3.69
N VAL A 73 -36.38 -3.38 3.27
CA VAL A 73 -37.45 -4.32 3.60
C VAL A 73 -38.02 -4.86 2.31
N THR A 74 -37.91 -6.18 2.13
CA THR A 74 -38.55 -6.90 1.04
C THR A 74 -39.52 -7.89 1.64
N ASN A 75 -40.63 -8.15 0.94
CA ASN A 75 -41.55 -9.16 1.44
C ASN A 75 -42.24 -9.79 0.24
N THR A 76 -41.71 -10.93 -0.20
CA THR A 76 -42.13 -11.65 -1.39
C THR A 76 -42.65 -13.03 -1.00
N SER A 77 -42.94 -13.85 -2.01
CA SER A 77 -43.54 -15.15 -1.80
C SER A 77 -42.52 -16.23 -1.44
N LYS A 78 -41.42 -16.32 -2.20
CA LYS A 78 -40.44 -17.37 -1.96
C LYS A 78 -39.80 -17.23 -0.58
N LEU A 79 -39.33 -16.03 -0.25
CA LEU A 79 -38.63 -15.80 1.00
C LEU A 79 -39.50 -15.26 2.11
N GLY A 80 -40.66 -14.68 1.78
CA GLY A 80 -41.49 -14.08 2.80
C GLY A 80 -41.00 -12.70 3.20
N PHE A 81 -41.40 -12.29 4.41
CA PHE A 81 -41.00 -10.99 4.96
C PHE A 81 -39.56 -11.07 5.43
N ARG A 82 -38.71 -10.19 4.90
CA ARG A 82 -37.29 -10.19 5.23
C ARG A 82 -36.83 -8.77 5.55
N ILE A 83 -35.87 -8.69 6.47
CA ILE A 83 -35.23 -7.43 6.85
C ILE A 83 -33.76 -7.53 6.52
N TRP A 84 -33.22 -6.48 5.93
CA TRP A 84 -31.80 -6.40 5.58
C TRP A 84 -31.23 -5.13 6.19
N ASP A 85 -30.57 -5.26 7.33
CA ASP A 85 -29.85 -4.15 7.95
C ASP A 85 -28.36 -4.37 7.79
N VAL A 86 -27.56 -3.51 8.43
CA VAL A 86 -26.13 -3.47 8.15
C VAL A 86 -25.49 -4.82 8.41
N ALA A 87 -25.97 -5.55 9.42
CA ALA A 87 -25.40 -6.86 9.73
C ALA A 87 -25.75 -7.92 8.70
N ASP A 88 -26.68 -7.62 7.78
CA ASP A 88 -27.13 -8.58 6.78
C ASP A 88 -26.47 -8.39 5.43
N TYR A 89 -26.26 -7.15 4.98
CA TYR A 89 -25.78 -6.89 3.63
C TYR A 89 -24.33 -6.46 3.56
N VAL A 90 -23.64 -6.33 4.69
CA VAL A 90 -22.21 -6.04 4.70
C VAL A 90 -21.49 -7.34 5.06
N ILE A 91 -20.75 -7.90 4.11
CA ILE A 91 -20.08 -9.17 4.28
C ILE A 91 -18.65 -9.03 3.78
N PRO A 92 -17.62 -9.28 4.62
CA PRO A 92 -17.67 -9.58 6.05
C PRO A 92 -17.93 -8.33 6.89
N ALA A 93 -18.07 -8.51 8.20
CA ALA A 93 -18.37 -7.38 9.07
C ALA A 93 -17.32 -6.27 8.94
N GLN A 94 -16.08 -6.63 8.63
CA GLN A 94 -14.99 -5.67 8.57
C GLN A 94 -14.05 -6.02 7.42
N GLU A 95 -13.44 -4.98 6.86
CA GLU A 95 -12.44 -5.15 5.80
C GLU A 95 -11.52 -3.94 5.84
N GLU A 96 -10.36 -4.07 5.20
CA GLU A 96 -9.34 -3.03 5.18
C GLU A 96 -9.44 -2.23 3.89
N ASN A 97 -9.70 -0.93 4.02
CA ASN A 97 -9.78 -0.02 2.89
C ASN A 97 -10.87 -0.44 1.91
N SER A 98 -11.88 -1.14 2.39
CA SER A 98 -12.88 -1.71 1.48
C SER A 98 -14.15 -1.99 2.25
N LEU A 99 -15.25 -2.13 1.51
CA LEU A 99 -16.54 -2.45 2.09
C LEU A 99 -17.46 -2.96 0.98
N PHE A 100 -18.03 -4.14 1.18
CA PHE A 100 -18.91 -4.76 0.20
C PHE A 100 -20.35 -4.59 0.66
N VAL A 101 -21.21 -4.14 -0.24
CA VAL A 101 -22.64 -4.02 0.01
C VAL A 101 -23.35 -4.96 -0.95
N MET A 102 -24.15 -5.87 -0.41
CA MET A 102 -24.89 -6.82 -1.21
C MET A 102 -26.11 -6.15 -1.83
N THR A 103 -26.28 -6.31 -3.14
CA THR A 103 -27.40 -5.72 -3.85
C THR A 103 -28.31 -6.73 -4.54
N ASN A 104 -27.81 -7.93 -4.84
CA ASN A 104 -28.62 -8.99 -5.40
C ASN A 104 -28.25 -10.29 -4.69
N VAL A 105 -29.16 -11.25 -4.67
CA VAL A 105 -28.97 -12.46 -3.88
C VAL A 105 -29.68 -13.63 -4.54
N ILE A 106 -29.05 -14.80 -4.46
CA ILE A 106 -29.68 -16.08 -4.74
C ILE A 106 -29.45 -16.96 -3.52
N LEU A 107 -30.52 -17.59 -3.02
CA LEU A 107 -30.48 -18.35 -1.77
C LEU A 107 -30.82 -19.81 -2.04
N THR A 108 -30.14 -20.71 -1.33
CA THR A 108 -30.44 -22.14 -1.33
C THR A 108 -30.50 -22.59 0.12
N MET A 109 -31.70 -22.94 0.59
CA MET A 109 -31.92 -23.27 1.99
C MET A 109 -31.94 -24.78 2.16
N ASN A 110 -31.57 -25.25 3.37
CA ASN A 110 -31.50 -26.67 3.67
C ASN A 110 -30.69 -27.47 2.65
N GLN A 111 -29.39 -27.19 2.63
CA GLN A 111 -28.47 -28.07 1.93
C GLN A 111 -27.83 -29.03 2.92
N THR A 112 -27.73 -30.29 2.50
CA THR A 112 -27.05 -31.32 3.28
C THR A 112 -26.01 -31.99 2.39
N GLN A 113 -24.98 -32.55 3.02
CA GLN A 113 -23.93 -33.25 2.30
C GLN A 113 -24.42 -34.61 1.85
N GLY A 114 -24.33 -34.88 0.55
CA GLY A 114 -24.81 -36.13 0.00
C GLY A 114 -24.67 -36.22 -1.50
N LEU A 115 -25.55 -36.99 -2.14
CA LEU A 115 -25.55 -37.18 -3.58
C LEU A 115 -26.85 -36.64 -4.16
N CYS A 116 -26.75 -35.95 -5.29
CA CYS A 116 -27.91 -35.31 -5.91
C CYS A 116 -27.64 -35.14 -7.39
N PRO A 117 -28.68 -34.95 -8.20
CA PRO A 117 -28.48 -34.59 -9.60
C PRO A 117 -28.08 -33.13 -9.77
N GLU A 118 -27.50 -32.84 -10.93
CA GLU A 118 -27.13 -31.48 -11.28
C GLU A 118 -28.31 -30.74 -11.89
N ILE A 119 -28.11 -29.46 -12.17
CA ILE A 119 -29.14 -28.66 -12.85
C ILE A 119 -29.10 -28.98 -14.33
N PRO A 120 -30.22 -29.34 -14.96
CA PRO A 120 -30.18 -29.75 -16.37
C PRO A 120 -29.62 -28.65 -17.26
N ASP A 121 -28.69 -29.04 -18.14
CA ASP A 121 -28.19 -28.17 -19.18
C ASP A 121 -27.58 -29.05 -20.27
N ALA A 122 -26.85 -28.44 -21.20
CA ALA A 122 -26.25 -29.20 -22.30
C ALA A 122 -25.21 -30.17 -21.78
N THR A 123 -24.35 -29.72 -20.85
CA THR A 123 -23.26 -30.55 -20.37
C THR A 123 -23.73 -31.65 -19.42
N THR A 124 -24.64 -31.31 -18.49
CA THR A 124 -24.99 -32.26 -17.45
C THR A 124 -26.00 -33.30 -17.90
N VAL A 125 -26.92 -32.94 -18.80
CA VAL A 125 -27.96 -33.88 -19.20
C VAL A 125 -27.33 -35.13 -19.78
N CYS A 126 -27.91 -36.28 -19.46
CA CYS A 126 -27.34 -37.57 -19.84
C CYS A 126 -28.46 -38.58 -19.98
N LYS A 127 -28.11 -39.74 -20.58
CA LYS A 127 -29.07 -40.86 -20.76
C LYS A 127 -28.27 -42.16 -20.79
N SER A 128 -28.66 -43.18 -20.02
CA SER A 128 -28.10 -44.52 -20.01
C SER A 128 -26.84 -44.63 -19.17
N ASP A 129 -26.39 -43.56 -18.50
CA ASP A 129 -25.24 -43.62 -17.60
C ASP A 129 -23.97 -44.00 -18.36
N ALA A 130 -23.75 -43.34 -19.48
CA ALA A 130 -22.58 -43.59 -20.31
C ALA A 130 -21.68 -42.37 -20.48
N SER A 131 -22.26 -41.18 -20.62
CA SER A 131 -21.43 -39.98 -20.76
C SER A 131 -20.83 -39.55 -19.43
N CYS A 132 -21.47 -39.90 -18.31
CA CYS A 132 -20.99 -39.48 -17.01
C CYS A 132 -19.61 -40.06 -16.72
N THR A 133 -18.71 -39.22 -16.22
CA THR A 133 -17.35 -39.62 -15.90
C THR A 133 -17.10 -39.36 -14.41
N ALA A 134 -16.64 -40.39 -13.70
CA ALA A 134 -16.38 -40.26 -12.28
C ALA A 134 -15.20 -39.32 -12.03
N GLY A 135 -15.34 -38.45 -11.03
CA GLY A 135 -14.31 -37.53 -10.66
C GLY A 135 -14.30 -36.22 -11.42
N SER A 136 -15.14 -36.08 -12.45
CA SER A 136 -15.18 -34.86 -13.24
C SER A 136 -16.05 -33.83 -12.54
N ALA A 137 -15.44 -32.78 -12.00
CA ALA A 137 -16.21 -31.79 -11.23
C ALA A 137 -17.09 -30.95 -12.13
N GLY A 138 -16.65 -30.72 -13.36
CA GLY A 138 -17.42 -29.91 -14.28
C GLY A 138 -17.25 -28.43 -14.02
N THR A 139 -17.89 -27.61 -14.83
CA THR A 139 -17.78 -26.16 -14.66
C THR A 139 -18.31 -25.75 -13.31
N HIS A 140 -19.36 -26.42 -12.84
CA HIS A 140 -19.94 -26.07 -11.56
C HIS A 140 -18.89 -26.17 -10.48
N SER A 141 -18.10 -27.24 -10.52
CA SER A 141 -17.07 -27.46 -9.50
C SER A 141 -17.73 -27.36 -8.13
N ASN A 142 -19.03 -27.65 -8.07
CA ASN A 142 -19.75 -27.60 -6.81
C ASN A 142 -19.78 -28.98 -6.19
N GLY A 143 -19.56 -29.99 -7.02
CA GLY A 143 -19.55 -31.36 -6.54
C GLY A 143 -18.72 -32.22 -7.45
N VAL A 144 -18.39 -33.42 -6.98
CA VAL A 144 -17.60 -34.34 -7.78
C VAL A 144 -18.51 -35.38 -8.41
N SER A 145 -18.40 -35.56 -9.71
CA SER A 145 -19.26 -36.51 -10.41
C SER A 145 -18.97 -37.93 -9.96
N THR A 146 -20.04 -38.69 -9.69
CA THR A 146 -19.92 -40.06 -9.22
C THR A 146 -19.91 -41.07 -10.36
N GLY A 147 -20.13 -40.64 -11.60
CA GLY A 147 -20.16 -41.55 -12.72
C GLY A 147 -21.51 -42.16 -13.02
N ARG A 148 -22.53 -41.83 -12.24
CA ARG A 148 -23.88 -42.33 -12.45
C ARG A 148 -24.76 -41.22 -13.02
N CYS A 149 -25.80 -41.61 -13.75
CA CYS A 149 -26.69 -40.67 -14.43
C CYS A 149 -28.09 -40.90 -13.86
N VAL A 150 -28.55 -39.97 -13.03
CA VAL A 150 -29.79 -40.14 -12.28
C VAL A 150 -30.83 -39.14 -12.78
N ALA A 151 -32.04 -39.23 -12.23
CA ALA A 151 -33.17 -38.45 -12.71
C ALA A 151 -33.30 -37.16 -11.91
N PHE A 152 -33.12 -36.02 -12.59
CA PHE A 152 -33.40 -34.73 -11.96
C PHE A 152 -34.89 -34.62 -11.63
N ASN A 153 -35.75 -35.01 -12.55
CA ASN A 153 -37.18 -35.01 -12.36
C ASN A 153 -37.79 -35.99 -13.35
N GLY A 154 -39.10 -35.92 -13.55
CA GLY A 154 -39.79 -36.91 -14.37
C GLY A 154 -39.52 -36.81 -15.86
N SER A 155 -38.85 -35.74 -16.33
CA SER A 155 -38.69 -35.51 -17.76
C SER A 155 -37.24 -35.42 -18.22
N VAL A 156 -36.26 -35.32 -17.31
CA VAL A 156 -34.86 -35.20 -17.70
C VAL A 156 -33.98 -35.93 -16.70
N LYS A 157 -32.84 -36.42 -17.18
CA LYS A 157 -31.86 -37.11 -16.37
C LYS A 157 -30.54 -36.37 -16.44
N THR A 158 -29.87 -36.23 -15.29
CA THR A 158 -28.60 -35.52 -15.22
C THR A 158 -27.59 -36.36 -14.45
N CYS A 159 -26.33 -35.95 -14.55
CA CYS A 159 -25.25 -36.66 -13.87
C CYS A 159 -25.29 -36.38 -12.37
N GLU A 160 -25.14 -37.44 -11.58
CA GLU A 160 -25.13 -37.32 -10.13
C GLU A 160 -23.78 -36.81 -9.65
N VAL A 161 -23.81 -35.97 -8.62
CA VAL A 161 -22.60 -35.39 -8.06
C VAL A 161 -22.64 -35.54 -6.54
N ALA A 162 -21.46 -35.55 -5.95
CA ALA A 162 -21.29 -35.46 -4.50
C ALA A 162 -21.09 -33.99 -4.15
N ALA A 163 -22.08 -33.41 -3.47
CA ALA A 163 -22.05 -31.99 -3.15
C ALA A 163 -22.97 -31.73 -1.97
N TRP A 164 -23.07 -30.47 -1.58
CA TRP A 164 -24.17 -30.02 -0.75
C TRP A 164 -25.44 -30.02 -1.59
N CYS A 165 -26.49 -30.69 -1.11
CA CYS A 165 -27.66 -30.95 -1.92
C CYS A 165 -28.91 -30.37 -1.29
N PRO A 166 -29.85 -29.82 -2.09
CA PRO A 166 -29.80 -29.70 -3.56
C PRO A 166 -28.83 -28.62 -4.04
N VAL A 167 -28.32 -28.78 -5.25
CA VAL A 167 -27.33 -27.84 -5.77
C VAL A 167 -27.98 -26.51 -6.09
N GLU A 168 -27.18 -25.45 -6.05
CA GLU A 168 -27.65 -24.10 -6.31
C GLU A 168 -28.03 -23.94 -7.78
N ASP A 169 -29.07 -23.15 -8.02
CA ASP A 169 -29.53 -22.80 -9.37
C ASP A 169 -29.39 -21.30 -9.53
N ASP A 170 -28.33 -20.86 -10.22
CA ASP A 170 -28.02 -19.45 -10.39
C ASP A 170 -28.20 -19.00 -11.84
N THR A 171 -29.12 -19.64 -12.57
CA THR A 171 -29.34 -19.29 -13.97
C THR A 171 -30.29 -18.12 -14.16
N HIS A 172 -31.04 -17.73 -13.13
CA HIS A 172 -31.99 -16.63 -13.21
C HIS A 172 -31.62 -15.61 -12.12
N VAL A 173 -30.76 -14.67 -12.47
CA VAL A 173 -30.43 -13.58 -11.54
C VAL A 173 -31.62 -12.62 -11.45
N PRO A 174 -32.08 -12.26 -10.25
CA PRO A 174 -33.25 -11.38 -10.16
C PRO A 174 -33.04 -10.06 -10.90
N GLN A 175 -34.10 -9.59 -11.54
CA GLN A 175 -34.10 -8.34 -12.28
C GLN A 175 -35.41 -7.61 -12.07
N PRO A 176 -35.42 -6.40 -11.48
CA PRO A 176 -34.29 -5.62 -10.96
C PRO A 176 -33.65 -6.22 -9.72
N ALA A 177 -32.55 -5.62 -9.26
CA ALA A 177 -31.81 -6.18 -8.14
C ALA A 177 -32.71 -6.36 -6.92
N PHE A 178 -32.42 -7.41 -6.15
CA PHE A 178 -33.25 -7.74 -5.00
C PHE A 178 -33.21 -6.62 -3.96
N LEU A 179 -32.02 -6.19 -3.58
CA LEU A 179 -31.85 -5.06 -2.67
C LEU A 179 -31.52 -3.79 -3.45
N LYS A 180 -32.49 -3.36 -4.26
CA LYS A 180 -32.34 -2.13 -5.02
C LYS A 180 -32.51 -0.89 -4.15
N ALA A 181 -33.02 -1.05 -2.93
CA ALA A 181 -33.16 0.07 -2.00
C ALA A 181 -31.82 0.53 -1.44
N ALA A 182 -30.74 -0.22 -1.70
CA ALA A 182 -29.41 0.20 -1.28
C ALA A 182 -28.95 1.47 -1.97
N GLU A 183 -29.66 1.91 -3.01
CA GLU A 183 -29.29 3.15 -3.70
C GLU A 183 -29.24 4.34 -2.77
N ASN A 184 -30.13 4.39 -1.77
CA ASN A 184 -30.17 5.48 -0.81
C ASN A 184 -29.45 5.19 0.50
N PHE A 185 -28.72 4.08 0.62
CA PHE A 185 -27.82 3.93 1.76
C PHE A 185 -26.71 4.97 1.69
N THR A 186 -26.14 5.31 2.84
CA THR A 186 -25.09 6.30 2.93
C THR A 186 -23.84 5.68 3.55
N LEU A 187 -22.68 6.07 3.02
CA LEU A 187 -21.39 5.55 3.46
C LEU A 187 -20.58 6.69 4.07
N LEU A 188 -20.02 6.45 5.25
CA LEU A 188 -19.12 7.39 5.91
C LEU A 188 -17.69 6.91 5.74
N VAL A 189 -16.80 7.80 5.32
CA VAL A 189 -15.39 7.50 5.15
C VAL A 189 -14.61 8.44 6.05
N LYS A 190 -13.96 7.89 7.07
CA LYS A 190 -13.06 8.63 7.95
C LYS A 190 -11.63 8.25 7.59
N ASN A 191 -10.81 9.26 7.29
CA ASN A 191 -9.47 9.04 6.77
C ASN A 191 -8.47 9.85 7.60
N ASN A 192 -7.47 9.17 8.14
CA ASN A 192 -6.36 9.78 8.85
C ASN A 192 -5.09 9.57 8.05
N ILE A 193 -4.37 10.64 7.74
CA ILE A 193 -3.18 10.57 6.92
C ILE A 193 -1.96 11.01 7.72
N TRP A 194 -0.79 10.58 7.25
CA TRP A 194 0.47 10.81 7.96
C TRP A 194 1.58 10.89 6.94
N TYR A 195 2.39 11.95 7.03
CA TYR A 195 3.60 12.11 6.22
C TYR A 195 4.80 11.91 7.13
N PRO A 196 5.36 10.71 7.22
CA PRO A 196 6.44 10.47 8.20
C PRO A 196 7.66 11.36 8.01
N LYS A 197 8.03 11.69 6.78
CA LYS A 197 9.23 12.48 6.56
C LYS A 197 9.14 13.84 7.24
N PHE A 198 8.01 14.52 7.06
CA PHE A 198 7.75 15.79 7.72
C PHE A 198 6.99 15.61 9.03
N ASN A 199 6.65 14.38 9.37
CA ASN A 199 5.91 14.02 10.58
C ASN A 199 4.71 14.94 10.75
N PHE A 200 3.82 14.87 9.75
CA PHE A 200 2.64 15.72 9.65
C PHE A 200 1.42 14.82 9.58
N SER A 201 0.40 15.12 10.39
CA SER A 201 -0.81 14.32 10.47
C SER A 201 -2.04 15.19 10.27
N LYS A 202 -3.03 14.63 9.59
CA LYS A 202 -4.31 15.29 9.43
C LYS A 202 -5.38 14.24 9.15
N ARG A 203 -6.62 14.59 9.46
CA ARG A 203 -7.76 13.74 9.18
C ARG A 203 -8.73 14.50 8.28
N ASN A 204 -9.54 13.75 7.52
CA ASN A 204 -10.37 14.34 6.48
C ASN A 204 -11.58 15.10 7.02
N ILE A 205 -11.89 14.97 8.31
CA ILE A 205 -12.89 15.81 8.95
C ILE A 205 -12.15 17.08 9.38
N LEU A 206 -12.37 18.17 8.64
CA LEU A 206 -11.56 19.36 8.82
C LEU A 206 -11.92 20.07 10.12
N PRO A 207 -11.05 20.97 10.58
CA PRO A 207 -11.34 21.68 11.84
C PRO A 207 -12.61 22.52 11.83
N ASN A 208 -13.09 22.98 10.67
CA ASN A 208 -14.33 23.76 10.68
C ASN A 208 -15.57 22.89 10.49
N ILE A 209 -15.41 21.58 10.34
CA ILE A 209 -16.53 20.66 10.15
C ILE A 209 -17.00 20.22 11.54
N THR A 210 -18.18 20.69 11.94
CA THR A 210 -18.70 20.46 13.28
C THR A 210 -19.52 19.18 13.37
N THR A 211 -19.92 18.85 14.59
CA THR A 211 -20.73 17.65 14.83
C THR A 211 -22.16 17.84 14.34
N THR A 212 -22.72 19.04 14.52
CA THR A 212 -24.07 19.30 14.05
C THR A 212 -24.17 19.18 12.53
N TYR A 213 -23.17 19.71 11.82
CA TYR A 213 -23.16 19.65 10.37
C TYR A 213 -23.06 18.21 9.88
N LEU A 214 -22.24 17.39 10.53
CA LEU A 214 -22.03 16.00 10.11
C LEU A 214 -23.24 15.12 10.37
N LYS A 215 -24.25 15.60 11.08
CA LYS A 215 -25.42 14.78 11.38
C LYS A 215 -26.39 14.68 10.21
N SER A 216 -26.31 15.61 9.24
CA SER A 216 -27.28 15.63 8.15
C SER A 216 -26.67 15.94 6.79
N CYS A 217 -25.34 15.98 6.66
CA CYS A 217 -24.73 16.37 5.40
C CYS A 217 -24.62 15.18 4.44
N ILE A 218 -24.65 15.49 3.15
CA ILE A 218 -24.36 14.54 2.10
C ILE A 218 -23.38 15.20 1.14
N TYR A 219 -22.38 14.44 0.71
CA TYR A 219 -21.33 15.01 -0.13
C TYR A 219 -21.88 15.54 -1.44
N ASP A 220 -21.45 16.75 -1.81
CA ASP A 220 -21.71 17.32 -3.12
C ASP A 220 -20.45 18.04 -3.57
N ALA A 221 -20.08 17.84 -4.84
CA ALA A 221 -18.83 18.43 -5.33
C ALA A 221 -18.88 19.95 -5.29
N LYS A 222 -20.07 20.54 -5.37
CA LYS A 222 -20.23 21.99 -5.43
C LYS A 222 -20.65 22.60 -4.10
N THR A 223 -21.63 22.01 -3.43
CA THR A 223 -22.21 22.61 -2.22
C THR A 223 -21.62 22.09 -0.92
N ASP A 224 -21.23 20.82 -0.86
CA ASP A 224 -20.68 20.20 0.34
C ASP A 224 -19.44 19.42 -0.02
N PRO A 225 -18.37 20.08 -0.44
CA PRO A 225 -17.19 19.36 -0.93
C PRO A 225 -16.38 18.67 0.15
N PHE A 226 -16.73 18.84 1.43
CA PHE A 226 -15.95 18.26 2.51
C PHE A 226 -16.78 17.44 3.49
N CYS A 227 -18.02 17.09 3.13
CA CYS A 227 -18.79 16.15 3.92
C CYS A 227 -18.32 14.74 3.58
N PRO A 228 -17.85 13.95 4.55
CA PRO A 228 -17.31 12.63 4.22
C PRO A 228 -18.36 11.54 4.12
N ILE A 229 -19.63 11.91 3.97
CA ILE A 229 -20.75 10.98 3.92
C ILE A 229 -21.31 10.98 2.51
N PHE A 230 -21.28 9.82 1.87
CA PHE A 230 -21.66 9.67 0.46
C PHE A 230 -22.86 8.74 0.34
N ARG A 231 -23.78 9.09 -0.56
CA ARG A 231 -24.88 8.21 -0.94
C ARG A 231 -24.40 7.28 -2.05
N LEU A 232 -24.73 5.99 -1.93
CA LEU A 232 -24.17 4.98 -2.82
C LEU A 232 -24.59 5.22 -4.26
N GLY A 233 -25.89 5.46 -4.48
CA GLY A 233 -26.35 5.74 -5.83
C GLY A 233 -25.66 6.93 -6.44
N LYS A 234 -25.44 7.98 -5.64
CA LYS A 234 -24.72 9.15 -6.13
C LYS A 234 -23.25 8.85 -6.39
N ILE A 235 -22.64 7.99 -5.58
CA ILE A 235 -21.25 7.58 -5.84
C ILE A 235 -21.16 6.93 -7.22
N VAL A 236 -22.08 6.02 -7.52
CA VAL A 236 -22.06 5.35 -8.81
C VAL A 236 -22.34 6.34 -9.93
N GLU A 237 -23.30 7.25 -9.71
CA GLU A 237 -23.65 8.22 -10.74
C GLU A 237 -22.49 9.15 -11.08
N ASN A 238 -21.74 9.60 -10.06
CA ASN A 238 -20.64 10.51 -10.30
C ASN A 238 -19.49 9.85 -11.04
N ALA A 239 -19.44 8.52 -11.07
CA ALA A 239 -18.44 7.81 -11.85
C ALA A 239 -18.87 7.61 -13.29
N GLY A 240 -20.06 8.06 -13.68
CA GLY A 240 -20.52 7.93 -15.04
C GLY A 240 -21.31 6.67 -15.32
N HIS A 241 -21.96 6.10 -14.32
CA HIS A 241 -22.65 4.83 -14.46
C HIS A 241 -24.02 4.91 -13.78
N SER A 242 -24.77 3.82 -13.87
CA SER A 242 -26.11 3.72 -13.29
C SER A 242 -26.10 2.69 -12.17
N PHE A 243 -26.66 3.07 -11.02
CA PHE A 243 -26.63 2.17 -9.87
C PHE A 243 -27.52 0.96 -10.10
N GLN A 244 -28.70 1.15 -10.68
CA GLN A 244 -29.62 0.03 -10.87
C GLN A 244 -29.07 -0.98 -11.86
N ASP A 245 -28.41 -0.50 -12.92
CA ASP A 245 -27.76 -1.42 -13.85
C ASP A 245 -26.62 -2.18 -13.18
N MET A 246 -25.82 -1.49 -12.38
CA MET A 246 -24.66 -2.08 -11.73
C MET A 246 -25.03 -3.00 -10.57
N ALA A 247 -26.24 -2.89 -10.05
CA ALA A 247 -26.63 -3.67 -8.88
C ALA A 247 -27.11 -5.08 -9.23
N VAL A 248 -27.41 -5.35 -10.50
CA VAL A 248 -27.91 -6.67 -10.87
C VAL A 248 -26.79 -7.71 -10.78
N GLU A 249 -25.62 -7.41 -11.32
CA GLU A 249 -24.50 -8.35 -11.31
C GLU A 249 -23.34 -7.91 -10.43
N GLY A 250 -23.36 -6.69 -9.89
CA GLY A 250 -22.30 -6.22 -9.04
C GLY A 250 -21.18 -5.53 -9.79
N GLY A 251 -20.21 -5.05 -9.02
CA GLY A 251 -19.07 -4.38 -9.60
C GLY A 251 -18.15 -3.85 -8.53
N ILE A 252 -17.13 -3.13 -8.96
CA ILE A 252 -16.15 -2.53 -8.06
C ILE A 252 -16.12 -1.03 -8.32
N MET A 253 -16.29 -0.25 -7.26
CA MET A 253 -16.31 1.21 -7.33
C MET A 253 -15.16 1.77 -6.50
N GLY A 254 -14.40 2.68 -7.11
CA GLY A 254 -13.29 3.31 -6.43
C GLY A 254 -13.65 4.68 -5.94
N ILE A 255 -13.50 4.90 -4.63
CA ILE A 255 -13.59 6.22 -4.03
C ILE A 255 -12.16 6.61 -3.70
N GLN A 256 -11.60 7.53 -4.46
CA GLN A 256 -10.19 7.90 -4.32
C GLN A 256 -10.06 9.27 -3.69
N VAL A 257 -9.22 9.36 -2.66
CA VAL A 257 -9.00 10.58 -1.90
C VAL A 257 -7.59 11.07 -2.21
N ASN A 258 -7.48 12.30 -2.71
CA ASN A 258 -6.21 12.89 -3.08
C ASN A 258 -5.78 13.87 -1.99
N TRP A 259 -4.55 13.70 -1.50
CA TRP A 259 -4.02 14.56 -0.44
C TRP A 259 -2.77 15.29 -0.91
N ASP A 260 -2.82 15.86 -2.10
CA ASP A 260 -1.69 16.65 -2.60
C ASP A 260 -1.62 17.94 -1.80
N CYS A 261 -0.58 18.09 -0.99
CA CYS A 261 -0.47 19.22 -0.09
C CYS A 261 0.90 19.88 -0.23
N ASN A 262 0.93 21.19 0.03
CA ASN A 262 2.16 21.98 0.04
C ASN A 262 2.40 22.40 1.49
N LEU A 263 3.32 21.70 2.16
CA LEU A 263 3.57 21.96 3.57
C LEU A 263 4.43 23.19 3.82
N ASP A 264 4.72 23.97 2.78
CA ASP A 264 5.29 25.30 2.99
C ASP A 264 4.24 26.28 3.49
N ARG A 265 2.97 26.01 3.23
CA ARG A 265 1.87 26.89 3.59
C ARG A 265 1.18 26.38 4.85
N ALA A 266 0.10 27.06 5.23
CA ALA A 266 -0.63 26.69 6.44
C ALA A 266 -1.23 25.30 6.30
N ALA A 267 -1.27 24.55 7.41
CA ALA A 267 -1.87 23.23 7.40
C ALA A 267 -3.34 23.28 7.04
N SER A 268 -4.00 24.43 7.20
CA SER A 268 -5.42 24.55 6.88
C SER A 268 -5.68 24.37 5.39
N LEU A 269 -4.66 24.48 4.55
CA LEU A 269 -4.81 24.34 3.11
C LEU A 269 -4.51 22.94 2.61
N CYS A 270 -4.13 22.02 3.50
CA CYS A 270 -3.94 20.62 3.14
C CYS A 270 -5.31 19.95 3.17
N LEU A 271 -5.96 19.85 2.01
CA LEU A 271 -7.35 19.46 1.94
C LEU A 271 -7.52 18.20 1.08
N PRO A 272 -8.52 17.37 1.38
CA PRO A 272 -8.78 16.20 0.53
C PRO A 272 -9.66 16.50 -0.66
N ARG A 273 -9.36 15.85 -1.77
CA ARG A 273 -10.14 15.96 -3.01
C ARG A 273 -10.68 14.59 -3.37
N TYR A 274 -11.97 14.52 -3.67
CA TYR A 274 -12.67 13.27 -3.89
C TYR A 274 -13.03 13.10 -5.36
N SER A 275 -12.78 11.90 -5.90
CA SER A 275 -13.21 11.53 -7.23
C SER A 275 -13.64 10.07 -7.21
N PHE A 276 -14.38 9.67 -8.24
CA PHE A 276 -15.00 8.36 -8.30
C PHE A 276 -14.74 7.71 -9.65
N ARG A 277 -14.34 6.43 -9.62
CA ARG A 277 -13.97 5.71 -10.82
C ARG A 277 -14.38 4.26 -10.68
N ARG A 278 -15.07 3.73 -11.69
CA ARG A 278 -15.40 2.31 -11.70
C ARG A 278 -14.16 1.48 -12.01
N LEU A 279 -13.94 0.43 -11.22
CA LEU A 279 -12.72 -0.35 -11.30
C LEU A 279 -12.88 -1.67 -12.04
N ASP A 280 -14.10 -2.11 -12.31
CA ASP A 280 -14.34 -3.30 -13.11
C ASP A 280 -14.83 -2.91 -14.50
N THR A 281 -14.68 -3.83 -15.44
CA THR A 281 -14.90 -3.55 -16.86
C THR A 281 -16.04 -4.41 -17.40
N ARG A 282 -16.82 -3.82 -18.29
CA ARG A 282 -17.88 -4.52 -19.01
C ARG A 282 -17.35 -4.89 -20.39
N ASP A 283 -17.09 -6.18 -20.62
CA ASP A 283 -16.57 -6.65 -21.91
C ASP A 283 -16.97 -8.11 -22.05
N VAL A 284 -18.03 -8.36 -22.84
CA VAL A 284 -18.56 -9.71 -22.96
C VAL A 284 -17.68 -10.62 -23.80
N GLU A 285 -16.67 -10.07 -24.48
CA GLU A 285 -15.79 -10.86 -25.33
C GLU A 285 -14.38 -11.02 -24.76
N HIS A 286 -14.00 -10.24 -23.76
CA HIS A 286 -12.66 -10.27 -23.18
C HIS A 286 -12.74 -10.23 -21.66
N ASN A 287 -13.58 -11.08 -21.07
CA ASN A 287 -13.73 -11.08 -19.63
C ASN A 287 -14.03 -12.49 -19.13
N VAL A 288 -13.77 -12.70 -17.85
CA VAL A 288 -14.13 -13.91 -17.14
C VAL A 288 -14.63 -13.53 -15.75
N SER A 289 -15.73 -14.13 -15.33
CA SER A 289 -16.39 -13.78 -14.07
C SER A 289 -16.75 -12.29 -14.06
N PRO A 290 -17.67 -11.85 -14.90
CA PRO A 290 -18.03 -10.42 -14.92
C PRO A 290 -18.82 -10.02 -13.69
N GLY A 291 -18.91 -8.71 -13.47
CA GLY A 291 -19.59 -8.20 -12.31
C GLY A 291 -18.77 -8.45 -11.05
N TYR A 292 -19.47 -8.79 -9.98
CA TYR A 292 -18.80 -9.11 -8.72
C TYR A 292 -19.74 -9.92 -7.85
N ASN A 293 -19.32 -11.13 -7.47
CA ASN A 293 -20.11 -11.96 -6.59
C ASN A 293 -19.20 -12.95 -5.88
N PHE A 294 -19.71 -13.49 -4.78
CA PHE A 294 -19.02 -14.55 -4.04
C PHE A 294 -20.07 -15.34 -3.27
N ARG A 295 -19.67 -16.51 -2.81
CA ARG A 295 -20.56 -17.41 -2.08
C ARG A 295 -20.12 -17.52 -0.63
N PHE A 296 -21.10 -17.45 0.27
CA PHE A 296 -20.88 -17.75 1.68
C PHE A 296 -22.12 -18.45 2.20
N ALA A 297 -22.00 -19.07 3.37
CA ALA A 297 -23.05 -19.92 3.89
C ALA A 297 -23.28 -19.63 5.37
N LYS A 298 -24.52 -19.91 5.80
CA LYS A 298 -24.89 -19.94 7.21
C LYS A 298 -25.09 -21.40 7.61
N TYR A 299 -24.47 -21.80 8.71
CA TYR A 299 -24.42 -23.20 9.10
C TYR A 299 -25.37 -23.47 10.26
N TYR A 300 -26.13 -24.54 10.15
CA TYR A 300 -27.07 -24.98 11.17
C TYR A 300 -26.79 -26.43 11.54
N ARG A 301 -27.66 -27.01 12.34
CA ARG A 301 -27.45 -28.34 12.88
C ARG A 301 -28.80 -29.00 13.10
N ASP A 302 -28.95 -30.22 12.60
CA ASP A 302 -30.18 -30.96 12.80
C ASP A 302 -30.30 -31.44 14.25
N LEU A 303 -31.52 -31.84 14.63
CA LEU A 303 -31.72 -32.34 15.98
C LEU A 303 -30.81 -33.51 16.29
N ALA A 304 -30.48 -34.31 15.29
CA ALA A 304 -29.56 -35.44 15.46
C ALA A 304 -28.11 -35.03 15.36
N GLY A 305 -27.81 -33.76 15.10
CA GLY A 305 -26.46 -33.29 14.96
C GLY A 305 -25.93 -33.25 13.54
N ASN A 306 -26.77 -33.52 12.55
CA ASN A 306 -26.34 -33.47 11.15
C ASN A 306 -26.21 -32.02 10.69
N GLU A 307 -25.21 -31.77 9.86
CA GLU A 307 -24.91 -30.42 9.40
C GLU A 307 -25.85 -30.01 8.28
N GLN A 308 -26.35 -28.78 8.38
CA GLN A 308 -27.17 -28.16 7.33
C GLN A 308 -26.67 -26.74 7.13
N ARG A 309 -26.92 -26.20 5.93
CA ARG A 309 -26.47 -24.85 5.64
C ARG A 309 -27.41 -24.19 4.65
N THR A 310 -27.45 -22.86 4.71
CA THR A 310 -28.06 -22.03 3.68
C THR A 310 -26.95 -21.39 2.86
N LEU A 311 -26.96 -21.62 1.56
CA LEU A 311 -25.95 -21.07 0.67
C LEU A 311 -26.46 -19.78 0.07
N ILE A 312 -25.64 -18.73 0.14
CA ILE A 312 -25.97 -17.41 -0.40
C ILE A 312 -24.96 -17.08 -1.48
N LYS A 313 -25.44 -16.82 -2.69
CA LYS A 313 -24.65 -16.22 -3.74
C LYS A 313 -24.94 -14.73 -3.74
N ALA A 314 -23.98 -13.94 -3.30
CA ALA A 314 -24.16 -12.51 -3.06
C ALA A 314 -23.54 -11.71 -4.20
N TYR A 315 -24.40 -11.04 -4.98
CA TYR A 315 -23.95 -10.01 -5.90
C TYR A 315 -23.98 -8.66 -5.18
N GLY A 316 -23.02 -7.81 -5.50
CA GLY A 316 -22.99 -6.51 -4.88
C GLY A 316 -21.85 -5.68 -5.40
N ILE A 317 -21.73 -4.49 -4.84
CA ILE A 317 -20.73 -3.52 -5.24
C ILE A 317 -19.71 -3.40 -4.12
N ARG A 318 -18.43 -3.59 -4.46
CA ARG A 318 -17.34 -3.38 -3.53
C ARG A 318 -16.81 -1.97 -3.68
N PHE A 319 -16.83 -1.21 -2.59
CA PHE A 319 -16.34 0.16 -2.58
C PHE A 319 -14.92 0.17 -2.02
N ASP A 320 -13.95 0.51 -2.86
CA ASP A 320 -12.56 0.57 -2.47
C ASP A 320 -12.18 2.02 -2.18
N ILE A 321 -11.48 2.24 -1.07
CA ILE A 321 -11.00 3.56 -0.69
C ILE A 321 -9.54 3.64 -1.07
N ILE A 322 -9.22 4.53 -2.02
CA ILE A 322 -7.89 4.66 -2.59
C ILE A 322 -7.35 6.02 -2.16
N VAL A 323 -6.40 6.03 -1.25
CA VAL A 323 -5.82 7.26 -0.72
C VAL A 323 -4.41 7.40 -1.28
N PHE A 324 -4.17 8.52 -1.96
CA PHE A 324 -2.88 8.79 -2.58
C PHE A 324 -2.59 10.28 -2.46
N GLY A 325 -1.35 10.64 -2.69
CA GLY A 325 -0.93 12.03 -2.67
C GLY A 325 0.48 12.18 -2.17
N LYS A 326 1.07 13.33 -2.48
CA LYS A 326 2.42 13.66 -2.05
C LYS A 326 2.41 15.03 -1.40
N ALA A 327 3.18 15.17 -0.33
CA ALA A 327 3.41 16.46 0.31
C ALA A 327 4.74 17.02 -0.15
N GLY A 328 4.85 18.34 -0.14
CA GLY A 328 6.07 19.01 -0.55
C GLY A 328 6.54 20.06 0.43
N LYS A 329 7.83 20.05 0.74
CA LYS A 329 8.43 21.05 1.61
C LYS A 329 9.74 21.50 1.00
N PHE A 330 10.11 22.75 1.24
CA PHE A 330 11.35 23.29 0.70
C PHE A 330 12.54 22.50 1.22
N ASP A 331 13.45 22.13 0.31
CA ASP A 331 14.69 21.49 0.66
C ASP A 331 15.83 22.15 -0.11
N ILE A 332 17.01 22.18 0.51
CA ILE A 332 18.12 22.91 -0.09
C ILE A 332 18.82 22.09 -1.17
N ILE A 333 18.76 20.76 -1.09
CA ILE A 333 19.49 19.91 -2.02
C ILE A 333 18.91 20.04 -3.44
N PRO A 334 17.61 19.83 -3.65
CA PRO A 334 17.06 20.06 -4.99
C PRO A 334 17.24 21.50 -5.47
N THR A 335 17.14 22.47 -4.56
CA THR A 335 17.33 23.86 -4.93
C THR A 335 18.72 24.08 -5.51
N MET A 336 19.75 23.60 -4.81
CA MET A 336 21.11 23.81 -5.30
C MET A 336 21.40 22.98 -6.54
N ILE A 337 20.80 21.78 -6.65
CA ILE A 337 20.97 21.00 -7.87
C ILE A 337 20.44 21.77 -9.07
N ASN A 338 19.25 22.37 -8.92
CA ASN A 338 18.67 23.12 -10.03
C ASN A 338 19.45 24.40 -10.32
N ILE A 339 19.95 25.07 -9.28
CA ILE A 339 20.75 26.27 -9.50
C ILE A 339 22.02 25.94 -10.27
N GLY A 340 22.70 24.86 -9.86
CA GLY A 340 23.91 24.44 -10.58
C GLY A 340 23.62 24.01 -12.00
N SER A 341 22.50 23.31 -12.20
CA SER A 341 22.11 22.92 -13.55
C SER A 341 21.88 24.13 -14.44
N GLY A 342 21.19 25.15 -13.90
CA GLY A 342 20.99 26.35 -14.69
C GLY A 342 22.29 27.08 -14.99
N LEU A 343 23.19 27.14 -14.01
CA LEU A 343 24.49 27.76 -14.25
C LEU A 343 25.23 27.04 -15.37
N ALA A 344 25.22 25.71 -15.36
CA ALA A 344 25.86 24.96 -16.44
C ALA A 344 25.17 25.19 -17.77
N LEU A 345 23.83 25.21 -17.78
CA LEU A 345 23.08 25.37 -19.02
C LEU A 345 23.24 26.76 -19.62
N LEU A 346 23.64 27.75 -18.82
CA LEU A 346 23.85 29.08 -19.38
C LEU A 346 24.99 29.13 -20.39
N GLY A 347 25.84 28.10 -20.47
CA GLY A 347 26.92 28.07 -21.43
C GLY A 347 26.55 27.65 -22.83
N MET A 348 25.34 27.11 -23.02
CA MET A 348 24.89 26.78 -24.37
C MET A 348 24.80 28.02 -25.24
N ALA A 349 24.42 29.15 -24.64
CA ALA A 349 24.40 30.41 -25.39
C ALA A 349 25.80 30.75 -25.89
N THR A 350 26.80 30.58 -25.03
CA THR A 350 28.17 30.85 -25.44
C THR A 350 28.60 29.91 -26.57
N VAL A 351 28.24 28.63 -26.46
CA VAL A 351 28.61 27.67 -27.49
C VAL A 351 27.99 28.06 -28.84
N LEU A 352 26.68 28.35 -28.84
CA LEU A 352 25.99 28.66 -30.08
C LEU A 352 26.53 29.95 -30.69
N CYS A 353 26.72 30.98 -29.86
CA CYS A 353 27.24 32.24 -30.34
C CYS A 353 28.66 32.11 -30.86
N ASP A 354 29.46 31.24 -30.24
CA ASP A 354 30.81 30.98 -30.75
C ASP A 354 30.74 30.33 -32.13
N ILE A 355 29.83 29.36 -32.30
CA ILE A 355 29.67 28.75 -33.62
C ILE A 355 29.36 29.81 -34.65
N ILE A 356 28.39 30.70 -34.34
CA ILE A 356 28.01 31.73 -35.31
C ILE A 356 29.19 32.66 -35.57
N VAL A 357 29.89 33.08 -34.53
CA VAL A 357 30.96 34.06 -34.68
C VAL A 357 32.11 33.49 -35.49
N LEU A 358 32.40 32.21 -35.33
CA LEU A 358 33.58 31.62 -35.93
C LEU A 358 33.34 30.96 -37.28
N TYR A 359 32.08 30.66 -37.62
CA TYR A 359 31.80 29.93 -38.85
C TYR A 359 30.74 30.56 -39.75
N CYS A 360 29.93 31.51 -39.26
CA CYS A 360 28.86 32.13 -40.02
C CYS A 360 28.96 33.65 -39.96
N MET A 361 30.16 34.18 -40.16
CA MET A 361 30.40 35.61 -40.11
C MET A 361 31.34 36.01 -41.23
N LYS A 362 31.24 37.27 -41.66
CA LYS A 362 32.12 37.78 -42.69
C LYS A 362 33.55 37.93 -42.18
N LYS A 363 33.71 38.43 -40.95
CA LYS A 363 35.02 38.63 -40.34
C LYS A 363 35.43 37.47 -39.46
N ARG A 364 34.97 36.26 -39.76
CA ARG A 364 35.19 35.14 -38.85
C ARG A 364 36.67 34.86 -38.64
N LEU A 365 37.52 35.10 -39.65
CA LEU A 365 38.94 34.88 -39.49
C LEU A 365 39.54 35.87 -38.49
N TYR A 366 39.11 37.12 -38.54
CA TYR A 366 39.61 38.11 -37.59
C TYR A 366 39.24 37.73 -36.16
N TYR A 367 38.00 37.29 -35.95
CA TYR A 367 37.58 36.86 -34.62
C TYR A 367 38.32 35.61 -34.18
N ARG A 368 38.58 34.69 -35.12
CA ARG A 368 39.36 33.50 -34.79
C ARG A 368 40.76 33.89 -34.33
N GLU A 369 41.37 34.86 -35.00
CA GLU A 369 42.67 35.34 -34.58
C GLU A 369 42.61 36.00 -33.21
N LYS A 370 41.54 36.76 -32.95
CA LYS A 370 41.43 37.47 -31.68
C LYS A 370 41.17 36.52 -30.52
N LYS A 371 40.46 35.42 -30.75
CA LYS A 371 40.02 34.54 -29.68
C LYS A 371 41.05 33.47 -29.33
N TYR A 372 41.73 32.91 -30.33
CA TYR A 372 42.63 31.79 -30.11
C TYR A 372 44.08 32.25 -30.22
N LYS A 373 44.91 31.77 -29.30
CA LYS A 373 46.34 32.03 -29.31
C LYS A 373 47.07 30.71 -29.50
N TYR A 374 47.94 30.65 -30.51
CA TYR A 374 48.71 29.44 -30.80
C TYR A 374 50.06 29.53 -30.11
N VAL A 375 50.34 28.56 -29.25
CA VAL A 375 51.60 28.54 -28.50
C VAL A 375 52.66 27.88 -29.37
N GLU A 376 53.74 28.62 -29.65
CA GLU A 376 54.80 28.12 -30.53
C GLU A 376 56.17 28.44 -29.95
N GLY B 3 41.70 20.97 -46.48
CA GLY B 3 42.16 19.65 -46.05
C GLY B 3 41.40 19.14 -44.84
N CYS B 4 40.44 18.24 -45.09
CA CYS B 4 39.67 17.67 -44.00
C CYS B 4 40.55 16.89 -43.04
N CYS B 5 41.49 16.10 -43.58
CA CYS B 5 42.37 15.31 -42.73
C CYS B 5 43.22 16.22 -41.85
N ALA B 6 43.74 17.31 -42.42
CA ALA B 6 44.51 18.26 -41.62
C ALA B 6 43.66 18.87 -40.51
N ALA B 7 42.41 19.21 -40.82
CA ALA B 7 41.52 19.76 -39.81
C ALA B 7 41.26 18.75 -38.70
N LEU B 8 41.03 17.49 -39.07
CA LEU B 8 40.80 16.46 -38.05
C LEU B 8 42.04 16.28 -37.18
N ALA B 9 43.22 16.27 -37.79
CA ALA B 9 44.46 16.13 -37.01
C ALA B 9 44.63 17.30 -36.06
N ALA B 10 44.32 18.53 -36.53
CA ALA B 10 44.40 19.68 -35.66
C ALA B 10 43.42 19.56 -34.50
N PHE B 11 42.21 19.07 -34.77
CA PHE B 11 41.23 18.88 -33.71
C PHE B 11 41.72 17.87 -32.69
N LEU B 12 42.37 16.80 -33.15
CA LEU B 12 42.78 15.75 -32.24
C LEU B 12 44.10 16.04 -31.53
N PHE B 13 45.02 16.75 -32.18
CA PHE B 13 46.38 16.94 -31.67
C PHE B 13 46.62 18.35 -31.15
N GLU B 14 45.57 19.02 -30.65
CA GLU B 14 45.71 20.32 -30.01
C GLU B 14 44.89 20.34 -28.74
N TYR B 15 45.44 20.98 -27.71
CA TYR B 15 44.77 21.12 -26.42
C TYR B 15 44.44 22.59 -26.20
N ASP B 16 43.19 22.87 -25.82
CA ASP B 16 42.70 24.22 -25.64
C ASP B 16 42.41 24.48 -24.16
N THR B 17 43.00 25.53 -23.61
CA THR B 17 42.80 25.91 -22.22
C THR B 17 42.61 27.42 -22.16
N PRO B 18 41.77 27.91 -21.25
CA PRO B 18 41.52 29.35 -21.19
C PRO B 18 42.70 30.14 -20.65
N ARG B 19 42.77 31.40 -21.05
N ARG B 19 42.78 31.41 -21.05
CA ARG B 19 43.75 32.34 -20.51
CA ARG B 19 43.75 32.32 -20.49
C ARG B 19 43.23 32.93 -19.21
C ARG B 19 43.23 32.93 -19.21
N ILE B 20 44.12 33.09 -18.24
CA ILE B 20 43.75 33.52 -16.88
C ILE B 20 44.52 34.78 -16.52
N VAL B 21 43.82 35.69 -15.83
CA VAL B 21 44.43 36.88 -15.23
C VAL B 21 44.61 36.62 -13.75
N LEU B 22 45.82 36.84 -13.25
CA LEU B 22 46.15 36.62 -11.84
C LEU B 22 46.29 37.98 -11.16
N ILE B 23 45.32 38.33 -10.33
CA ILE B 23 45.32 39.59 -9.58
C ILE B 23 45.82 39.30 -8.18
N ARG B 24 46.83 40.04 -7.74
CA ARG B 24 47.44 39.84 -6.43
C ARG B 24 46.72 40.73 -5.41
N SER B 25 45.81 40.14 -4.66
CA SER B 25 45.06 40.85 -3.63
C SER B 25 44.77 39.89 -2.50
N ARG B 26 45.15 40.27 -1.28
CA ARG B 26 44.94 39.38 -0.13
C ARG B 26 43.46 39.20 0.17
N LYS B 27 42.71 40.31 0.23
CA LYS B 27 41.32 40.24 0.62
C LYS B 27 40.49 39.46 -0.39
N VAL B 28 40.64 39.78 -1.68
CA VAL B 28 39.83 39.13 -2.71
C VAL B 28 40.21 37.65 -2.81
N GLY B 29 41.50 37.33 -2.77
CA GLY B 29 41.91 35.94 -2.82
C GLY B 29 41.40 35.14 -1.64
N LEU B 30 41.50 35.72 -0.44
CA LEU B 30 41.01 35.03 0.75
C LEU B 30 39.51 34.80 0.68
N MET B 31 38.76 35.80 0.21
CA MET B 31 37.32 35.64 0.07
C MET B 31 36.99 34.57 -0.97
N ASN B 32 37.73 34.55 -2.08
CA ASN B 32 37.52 33.52 -3.09
C ASN B 32 37.71 32.13 -2.50
N ARG B 33 38.81 31.94 -1.77
CA ARG B 33 39.08 30.64 -1.16
C ARG B 33 38.03 30.30 -0.11
N ALA B 34 37.58 31.29 0.66
CA ALA B 34 36.56 31.03 1.67
C ALA B 34 35.26 30.56 1.04
N VAL B 35 34.82 31.23 -0.03
CA VAL B 35 33.58 30.82 -0.69
C VAL B 35 33.74 29.44 -1.32
N GLN B 36 34.89 29.17 -1.94
CA GLN B 36 35.12 27.85 -2.51
C GLN B 36 35.10 26.77 -1.44
N LEU B 37 35.72 27.04 -0.30
CA LEU B 37 35.70 26.08 0.81
C LEU B 37 34.30 25.86 1.33
N LEU B 38 33.50 26.94 1.35
CA LEU B 38 32.09 26.90 1.84
C LEU B 38 31.26 26.04 0.88
N ILE B 39 31.50 26.12 -0.43
CA ILE B 39 30.78 25.30 -1.41
C ILE B 39 31.23 23.85 -1.32
N LEU B 40 32.54 23.61 -1.19
CA LEU B 40 33.03 22.24 -1.09
C LEU B 40 32.53 21.56 0.18
N ALA B 41 32.55 22.28 1.30
CA ALA B 41 32.05 21.72 2.55
C ALA B 41 30.58 21.36 2.42
N TYR B 42 29.78 22.26 1.84
CA TYR B 42 28.39 21.91 1.56
C TYR B 42 28.32 20.61 0.76
N VAL B 43 28.91 20.61 -0.43
CA VAL B 43 28.72 19.50 -1.36
C VAL B 43 29.15 18.18 -0.74
N ILE B 44 30.26 18.17 0.00
CA ILE B 44 30.72 16.92 0.59
C ILE B 44 29.91 16.60 1.84
N GLY B 45 30.04 17.42 2.87
CA GLY B 45 29.48 17.07 4.17
C GLY B 45 27.97 16.90 4.13
N TRP B 46 27.25 17.86 3.55
CA TRP B 46 25.81 17.80 3.62
C TRP B 46 25.24 16.85 2.57
N VAL B 47 25.61 17.04 1.30
CA VAL B 47 25.00 16.26 0.24
C VAL B 47 25.45 14.81 0.30
N PHE B 48 26.74 14.57 0.48
CA PHE B 48 27.27 13.21 0.40
C PHE B 48 27.31 12.52 1.76
N VAL B 49 28.05 13.10 2.72
CA VAL B 49 28.27 12.42 3.98
C VAL B 49 26.99 12.37 4.81
N TRP B 50 26.26 13.49 4.89
CA TRP B 50 25.13 13.58 5.79
C TRP B 50 23.86 13.00 5.17
N GLU B 51 23.48 13.52 4.00
CA GLU B 51 22.22 13.14 3.37
C GLU B 51 22.37 11.99 2.38
N LYS B 52 23.57 11.45 2.20
CA LYS B 52 23.81 10.29 1.35
C LYS B 52 23.29 10.54 -0.07
N GLY B 53 23.84 11.58 -0.70
CA GLY B 53 23.49 11.91 -2.07
C GLY B 53 24.06 10.98 -3.11
N TYR B 54 24.84 9.97 -2.68
CA TYR B 54 25.45 9.01 -3.59
C TYR B 54 24.65 7.72 -3.71
N GLN B 55 23.42 7.69 -3.19
CA GLN B 55 22.64 6.47 -3.08
C GLN B 55 21.33 6.58 -3.86
N GLU B 56 20.92 5.46 -4.44
CA GLU B 56 19.56 5.28 -4.93
C GLU B 56 18.71 4.62 -3.84
N THR B 57 17.40 4.85 -3.92
CA THR B 57 16.49 4.40 -2.88
C THR B 57 15.39 3.52 -3.47
N ASP B 58 14.78 2.72 -2.58
CA ASP B 58 13.70 1.81 -2.95
C ASP B 58 12.76 1.68 -1.77
N SER B 59 11.45 1.66 -2.05
CA SER B 59 10.46 1.49 -1.01
C SER B 59 10.27 0.01 -0.68
N VAL B 60 9.78 -0.25 0.53
CA VAL B 60 9.69 -1.59 1.07
C VAL B 60 8.38 -2.23 0.65
N VAL B 61 8.42 -3.54 0.40
CA VAL B 61 7.23 -4.35 0.15
C VAL B 61 7.11 -5.33 1.30
N SER B 62 5.98 -5.31 2.00
CA SER B 62 5.84 -5.98 3.28
C SER B 62 4.66 -6.93 3.29
N SER B 63 4.81 -8.03 4.04
CA SER B 63 3.73 -8.94 4.37
C SER B 63 3.73 -9.18 5.87
N VAL B 64 2.54 -9.21 6.47
CA VAL B 64 2.40 -9.21 7.91
C VAL B 64 1.50 -10.37 8.33
N THR B 65 1.84 -11.01 9.45
CA THR B 65 1.02 -12.02 10.09
C THR B 65 0.87 -11.66 11.56
N THR B 66 -0.36 -11.68 12.06
CA THR B 66 -0.65 -11.29 13.43
C THR B 66 -1.44 -12.39 14.15
N LYS B 67 -1.09 -12.63 15.41
CA LYS B 67 -1.81 -13.58 16.25
C LYS B 67 -1.92 -13.01 17.66
N VAL B 68 -3.08 -13.20 18.28
CA VAL B 68 -3.35 -12.75 19.64
C VAL B 68 -3.48 -13.97 20.54
N LYS B 69 -3.05 -13.83 21.78
CA LYS B 69 -3.16 -14.88 22.80
C LYS B 69 -3.78 -14.28 24.05
N GLY B 70 -4.69 -15.03 24.66
CA GLY B 70 -5.33 -14.62 25.90
C GLY B 70 -6.79 -15.01 25.93
N VAL B 71 -7.30 -15.23 27.14
CA VAL B 71 -8.69 -15.62 27.37
C VAL B 71 -9.21 -14.82 28.55
N ALA B 72 -10.47 -14.39 28.45
CA ALA B 72 -11.14 -13.66 29.50
C ALA B 72 -12.36 -14.44 29.98
N VAL B 73 -12.59 -14.41 31.29
CA VAL B 73 -13.74 -15.08 31.89
C VAL B 73 -14.56 -14.05 32.64
N THR B 74 -15.81 -13.87 32.22
CA THR B 74 -16.79 -13.05 32.90
C THR B 74 -17.94 -13.94 33.33
N ASN B 75 -18.57 -13.61 34.47
CA ASN B 75 -19.71 -14.42 34.88
C ASN B 75 -20.63 -13.48 35.67
N THR B 76 -21.63 -12.94 34.99
CA THR B 76 -22.57 -11.95 35.51
C THR B 76 -23.98 -12.51 35.48
N SER B 77 -24.94 -11.65 35.79
CA SER B 77 -26.34 -12.07 35.90
C SER B 77 -27.05 -12.12 34.55
N LYS B 78 -26.93 -11.07 33.75
CA LYS B 78 -27.65 -11.02 32.48
C LYS B 78 -27.19 -12.12 31.54
N LEU B 79 -25.88 -12.27 31.36
CA LEU B 79 -25.33 -13.23 30.42
C LEU B 79 -24.93 -14.55 31.06
N GLY B 80 -24.73 -14.58 32.37
CA GLY B 80 -24.26 -15.79 33.02
C GLY B 80 -22.77 -15.99 32.84
N PHE B 81 -22.34 -17.24 32.97
CA PHE B 81 -20.94 -17.62 32.83
C PHE B 81 -20.57 -17.63 31.35
N ARG B 82 -19.56 -16.84 30.98
CA ARG B 82 -19.14 -16.72 29.59
C ARG B 82 -17.64 -16.84 29.48
N ILE B 83 -17.20 -17.42 28.36
CA ILE B 83 -15.78 -17.56 28.04
C ILE B 83 -15.52 -16.79 26.75
N TRP B 84 -14.43 -16.04 26.74
CA TRP B 84 -14.02 -15.26 25.57
C TRP B 84 -12.58 -15.64 25.24
N ASP B 85 -12.40 -16.53 24.26
CA ASP B 85 -11.08 -16.87 23.75
C ASP B 85 -10.91 -16.26 22.37
N VAL B 86 -9.80 -16.60 21.71
CA VAL B 86 -9.41 -15.90 20.50
C VAL B 86 -10.51 -15.98 19.44
N ALA B 87 -11.22 -17.11 19.37
CA ALA B 87 -12.28 -17.25 18.40
C ALA B 87 -13.51 -16.40 18.72
N ASP B 88 -13.58 -15.81 19.91
CA ASP B 88 -14.73 -15.02 20.33
C ASP B 88 -14.52 -13.52 20.17
N TYR B 89 -13.32 -13.01 20.47
CA TYR B 89 -13.09 -11.57 20.51
C TYR B 89 -12.29 -11.05 19.32
N VAL B 90 -11.86 -11.90 18.40
CA VAL B 90 -11.20 -11.46 17.18
C VAL B 90 -12.22 -11.61 16.04
N ILE B 91 -12.65 -10.49 15.49
CA ILE B 91 -13.68 -10.47 14.45
C ILE B 91 -13.21 -9.55 13.33
N PRO B 92 -13.08 -10.05 12.08
CA PRO B 92 -13.23 -11.43 11.62
C PRO B 92 -12.01 -12.28 11.97
N ALA B 93 -12.08 -13.57 11.67
CA ALA B 93 -10.98 -14.47 12.01
C ALA B 93 -9.66 -13.99 11.41
N GLN B 94 -9.71 -13.32 10.27
CA GLN B 94 -8.50 -12.90 9.57
C GLN B 94 -8.70 -11.54 8.94
N GLU B 95 -7.61 -10.78 8.85
CA GLU B 95 -7.61 -9.47 8.20
C GLU B 95 -6.21 -9.20 7.69
N GLU B 96 -6.10 -8.23 6.78
CA GLU B 96 -4.83 -7.88 6.14
C GLU B 96 -4.24 -6.66 6.85
N ASN B 97 -3.04 -6.84 7.42
CA ASN B 97 -2.31 -5.77 8.09
C ASN B 97 -3.12 -5.18 9.24
N SER B 98 -4.01 -5.96 9.83
CA SER B 98 -4.92 -5.43 10.83
C SER B 98 -5.43 -6.56 11.70
N LEU B 99 -5.95 -6.19 12.87
CA LEU B 99 -6.54 -7.15 13.79
C LEU B 99 -7.39 -6.39 14.80
N PHE B 100 -8.65 -6.78 14.93
CA PHE B 100 -9.59 -6.14 15.84
C PHE B 100 -9.76 -7.02 17.07
N VAL B 101 -9.65 -6.41 18.24
CA VAL B 101 -9.89 -7.10 19.51
C VAL B 101 -11.09 -6.42 20.17
N MET B 102 -12.12 -7.21 20.47
CA MET B 102 -13.32 -6.69 21.11
C MET B 102 -13.06 -6.47 22.59
N THR B 103 -13.40 -5.27 23.08
CA THR B 103 -13.21 -4.93 24.48
C THR B 103 -14.50 -4.57 25.21
N ASN B 104 -15.55 -4.16 24.51
CA ASN B 104 -16.85 -3.91 25.10
C ASN B 104 -17.91 -4.49 24.18
N VAL B 105 -19.07 -4.82 24.74
CA VAL B 105 -20.09 -5.54 23.99
C VAL B 105 -21.48 -5.15 24.49
N ILE B 106 -22.42 -5.06 23.55
CA ILE B 106 -23.84 -5.02 23.83
C ILE B 106 -24.49 -6.13 23.02
N LEU B 107 -25.33 -6.95 23.67
CA LEU B 107 -25.90 -8.13 23.06
C LEU B 107 -27.42 -8.03 23.02
N THR B 108 -28.02 -8.51 21.94
CA THR B 108 -29.47 -8.64 21.80
C THR B 108 -29.76 -10.04 21.30
N MET B 109 -30.36 -10.87 22.15
CA MET B 109 -30.59 -12.28 21.86
C MET B 109 -32.02 -12.48 21.39
N ASN B 110 -32.24 -13.52 20.57
CA ASN B 110 -33.56 -13.82 20.02
C ASN B 110 -34.20 -12.61 19.34
N GLN B 111 -33.60 -12.18 18.24
CA GLN B 111 -34.27 -11.26 17.34
C GLN B 111 -34.91 -12.02 16.20
N THR B 112 -36.14 -11.62 15.86
CA THR B 112 -36.86 -12.17 14.73
C THR B 112 -37.32 -11.02 13.84
N GLN B 113 -37.51 -11.32 12.56
CA GLN B 113 -37.97 -10.32 11.61
C GLN B 113 -39.46 -10.08 11.79
N GLY B 114 -39.84 -8.82 12.01
CA GLY B 114 -41.23 -8.47 12.24
C GLY B 114 -41.43 -7.00 12.53
N LEU B 115 -42.48 -6.69 13.29
CA LEU B 115 -42.82 -5.32 13.66
C LEU B 115 -42.71 -5.16 15.17
N CYS B 116 -42.15 -4.03 15.61
CA CYS B 116 -41.91 -3.79 17.03
C CYS B 116 -41.83 -2.30 17.26
N PRO B 117 -42.02 -1.85 18.50
CA PRO B 117 -41.78 -0.44 18.82
C PRO B 117 -40.29 -0.13 18.93
N GLU B 118 -39.99 1.16 18.82
CA GLU B 118 -38.63 1.64 18.97
C GLU B 118 -38.30 1.87 20.44
N ILE B 119 -37.05 2.23 20.70
CA ILE B 119 -36.63 2.57 22.06
C ILE B 119 -37.10 4.00 22.37
N PRO B 120 -37.80 4.23 23.48
CA PRO B 120 -38.33 5.57 23.73
C PRO B 120 -37.23 6.63 23.78
N ASP B 121 -37.45 7.73 23.08
CA ASP B 121 -36.59 8.91 23.17
C ASP B 121 -37.40 10.10 22.68
N ALA B 122 -36.72 11.23 22.47
CA ALA B 122 -37.40 12.43 22.02
C ALA B 122 -38.00 12.24 20.63
N THR B 123 -37.24 11.64 19.72
CA THR B 123 -37.70 11.51 18.34
C THR B 123 -38.76 10.43 18.19
N THR B 124 -38.59 9.27 18.83
CA THR B 124 -39.47 8.15 18.58
C THR B 124 -40.79 8.24 19.33
N VAL B 125 -40.79 8.82 20.53
CA VAL B 125 -42.01 8.87 21.33
C VAL B 125 -43.10 9.59 20.57
N CYS B 126 -44.32 9.07 20.67
CA CYS B 126 -45.44 9.58 19.90
C CYS B 126 -46.74 9.34 20.66
N LYS B 127 -47.81 9.98 20.18
CA LYS B 127 -49.16 9.84 20.78
C LYS B 127 -50.20 10.10 19.69
N SER B 128 -51.19 9.21 19.53
CA SER B 128 -52.32 9.34 18.63
C SER B 128 -52.00 8.93 17.20
N ASP B 129 -50.78 8.46 16.91
CA ASP B 129 -50.43 7.95 15.58
C ASP B 129 -50.53 9.06 14.53
N ALA B 130 -49.97 10.21 14.85
CA ALA B 130 -49.99 11.37 13.95
C ALA B 130 -48.60 11.82 13.52
N SER B 131 -47.63 11.81 14.43
CA SER B 131 -46.27 12.22 14.07
C SER B 131 -45.56 11.16 13.25
N CYS B 132 -45.94 9.89 13.42
CA CYS B 132 -45.26 8.81 12.73
C CYS B 132 -45.42 8.94 11.22
N THR B 133 -44.33 8.76 10.49
CA THR B 133 -44.31 8.87 9.04
C THR B 133 -43.84 7.54 8.45
N ALA B 134 -44.61 6.98 7.53
CA ALA B 134 -44.26 5.71 6.92
C ALA B 134 -43.03 5.86 6.04
N GLY B 135 -42.13 4.88 6.14
CA GLY B 135 -40.92 4.87 5.34
C GLY B 135 -39.74 5.63 5.94
N SER B 136 -39.95 6.33 7.04
CA SER B 136 -38.88 7.12 7.65
C SER B 136 -38.05 6.21 8.55
N ALA B 137 -36.82 5.90 8.14
CA ALA B 137 -36.00 4.96 8.90
C ALA B 137 -35.52 5.55 10.20
N GLY B 138 -35.32 6.87 10.23
CA GLY B 138 -34.86 7.53 11.43
C GLY B 138 -33.37 7.36 11.62
N THR B 139 -32.83 7.94 12.68
CA THR B 139 -31.40 7.86 12.94
C THR B 139 -30.99 6.41 13.16
N HIS B 140 -31.87 5.64 13.78
CA HIS B 140 -31.55 4.25 14.04
C HIS B 140 -31.25 3.54 12.74
N SER B 141 -32.06 3.80 11.72
CA SER B 141 -31.88 3.14 10.44
C SER B 141 -31.82 1.64 10.67
N ASN B 142 -32.44 1.17 11.75
CA ASN B 142 -32.45 -0.25 12.06
C ASN B 142 -33.71 -0.87 11.50
N GLY B 143 -34.71 -0.04 11.24
CA GLY B 143 -35.96 -0.53 10.71
C GLY B 143 -36.68 0.57 9.97
N VAL B 144 -37.68 0.20 9.19
CA VAL B 144 -38.43 1.18 8.43
C VAL B 144 -39.74 1.48 9.14
N SER B 145 -40.03 2.76 9.37
CA SER B 145 -41.24 3.12 10.09
C SER B 145 -42.48 2.76 9.29
N THR B 146 -43.46 2.15 9.96
CA THR B 146 -44.69 1.71 9.32
C THR B 146 -45.78 2.78 9.35
N GLY B 147 -45.55 3.89 10.03
CA GLY B 147 -46.56 4.94 10.13
C GLY B 147 -47.53 4.78 11.26
N ARG B 148 -47.40 3.73 12.07
CA ARG B 148 -48.26 3.50 13.22
C ARG B 148 -47.51 3.81 14.50
N CYS B 149 -48.24 4.18 15.55
CA CYS B 149 -47.65 4.56 16.83
C CYS B 149 -48.18 3.58 17.87
N VAL B 150 -47.32 2.68 18.33
CA VAL B 150 -47.74 1.58 19.19
C VAL B 150 -47.11 1.75 20.58
N ALA B 151 -47.46 0.85 21.50
CA ALA B 151 -47.07 0.98 22.89
C ALA B 151 -45.78 0.21 23.16
N PHE B 152 -44.71 0.93 23.51
CA PHE B 152 -43.49 0.28 23.95
C PHE B 152 -43.74 -0.50 25.24
N ASN B 153 -44.44 0.11 26.19
CA ASN B 153 -44.81 -0.52 27.44
C ASN B 153 -46.02 0.22 28.00
N GLY B 154 -46.32 0.01 29.28
CA GLY B 154 -47.54 0.55 29.85
C GLY B 154 -47.54 2.05 30.07
N SER B 155 -46.39 2.72 29.91
CA SER B 155 -46.28 4.13 30.23
C SER B 155 -45.86 5.03 29.07
N VAL B 156 -45.40 4.47 27.95
CA VAL B 156 -44.95 5.28 26.83
C VAL B 156 -45.30 4.57 25.52
N LYS B 157 -45.52 5.37 24.47
CA LYS B 157 -45.83 4.89 23.14
C LYS B 157 -44.78 5.38 22.16
N THR B 158 -44.34 4.50 21.26
CA THR B 158 -43.32 4.84 20.29
C THR B 158 -43.77 4.41 18.91
N CYS B 159 -43.06 4.91 17.90
CA CYS B 159 -43.36 4.57 16.51
C CYS B 159 -42.95 3.14 16.20
N GLU B 160 -43.83 2.41 15.52
CA GLU B 160 -43.56 1.03 15.13
C GLU B 160 -42.65 1.00 13.90
N VAL B 161 -41.74 0.03 13.88
CA VAL B 161 -40.80 -0.12 12.78
C VAL B 161 -40.79 -1.57 12.33
N ALA B 162 -40.42 -1.77 11.07
CA ALA B 162 -40.13 -3.10 10.52
C ALA B 162 -38.62 -3.33 10.68
N ALA B 163 -38.26 -4.28 11.54
CA ALA B 163 -36.86 -4.53 11.84
C ALA B 163 -36.74 -5.93 12.41
N TRP B 164 -35.51 -6.30 12.76
CA TRP B 164 -35.29 -7.43 13.64
C TRP B 164 -35.71 -7.02 15.05
N CYS B 165 -36.58 -7.81 15.67
CA CYS B 165 -37.24 -7.40 16.89
C CYS B 165 -36.94 -8.38 18.02
N PRO B 166 -36.76 -7.90 19.27
CA PRO B 166 -36.79 -6.49 19.68
C PRO B 166 -35.55 -5.71 19.24
N VAL B 167 -35.69 -4.39 19.09
CA VAL B 167 -34.59 -3.58 18.60
C VAL B 167 -33.51 -3.45 19.69
N GLU B 168 -32.29 -3.22 19.24
CA GLU B 168 -31.15 -3.08 20.14
C GLU B 168 -31.27 -1.79 20.96
N ASP B 169 -30.80 -1.87 22.21
CA ASP B 169 -30.75 -0.73 23.10
C ASP B 169 -29.29 -0.48 23.47
N ASP B 170 -28.67 0.51 22.82
CA ASP B 170 -27.25 0.79 22.99
C ASP B 170 -27.02 2.12 23.70
N THR B 171 -27.96 2.51 24.57
CA THR B 171 -27.84 3.79 25.28
C THR B 171 -26.99 3.70 26.54
N HIS B 172 -26.71 2.51 27.04
CA HIS B 172 -25.90 2.31 28.24
C HIS B 172 -24.72 1.41 27.88
N VAL B 173 -23.63 2.03 27.47
CA VAL B 173 -22.39 1.27 27.21
C VAL B 173 -21.79 0.84 28.54
N PRO B 174 -21.43 -0.43 28.73
CA PRO B 174 -20.89 -0.86 30.02
C PRO B 174 -19.65 -0.07 30.42
N GLN B 175 -19.55 0.22 31.71
CA GLN B 175 -18.44 0.97 32.28
C GLN B 175 -18.07 0.37 33.64
N PRO B 176 -16.85 -0.17 33.81
CA PRO B 176 -15.74 -0.30 32.86
C PRO B 176 -16.01 -1.29 31.74
N ALA B 177 -15.09 -1.37 30.78
CA ALA B 177 -15.31 -2.22 29.61
C ALA B 177 -15.60 -3.66 30.03
N PHE B 178 -16.43 -4.33 29.25
CA PHE B 178 -16.84 -5.69 29.58
C PHE B 178 -15.65 -6.64 29.56
N LEU B 179 -14.87 -6.62 28.49
CA LEU B 179 -13.65 -7.42 28.39
C LEU B 179 -12.43 -6.53 28.69
N LYS B 180 -12.37 -6.06 29.93
CA LYS B 180 -11.23 -5.26 30.37
C LYS B 180 -9.99 -6.11 30.62
N ALA B 181 -10.15 -7.43 30.69
CA ALA B 181 -9.01 -8.33 30.87
C ALA B 181 -8.15 -8.44 29.61
N ALA B 182 -8.61 -7.88 28.49
CA ALA B 182 -7.80 -7.87 27.27
C ALA B 182 -6.55 -7.03 27.42
N GLU B 183 -6.43 -6.25 28.50
CA GLU B 183 -5.23 -5.45 28.72
C GLU B 183 -3.96 -6.30 28.74
N ASN B 184 -4.04 -7.52 29.29
CA ASN B 184 -2.90 -8.42 29.35
C ASN B 184 -2.85 -9.45 28.23
N PHE B 185 -3.70 -9.37 27.22
CA PHE B 185 -3.48 -10.17 26.01
C PHE B 185 -2.19 -9.74 25.33
N THR B 186 -1.59 -10.65 24.57
CA THR B 186 -0.35 -10.39 23.86
C THR B 186 -0.55 -10.61 22.37
N LEU B 187 0.08 -9.74 21.58
CA LEU B 187 -0.02 -9.77 20.13
C LEU B 187 1.35 -10.08 19.53
N LEU B 188 1.40 -11.03 18.61
CA LEU B 188 2.61 -11.36 17.88
C LEU B 188 2.51 -10.77 16.47
N VAL B 189 3.56 -10.07 16.04
CA VAL B 189 3.63 -9.48 14.71
C VAL B 189 4.84 -10.07 14.01
N LYS B 190 4.59 -10.86 12.96
CA LYS B 190 5.65 -11.39 12.10
C LYS B 190 5.62 -10.62 10.79
N ASN B 191 6.77 -10.05 10.43
CA ASN B 191 6.87 -9.16 9.28
C ASN B 191 8.00 -9.62 8.36
N ASN B 192 7.67 -9.84 7.10
CA ASN B 192 8.64 -10.16 6.06
C ASN B 192 8.68 -9.01 5.07
N ILE B 193 9.87 -8.48 4.81
CA ILE B 193 10.03 -7.32 3.94
C ILE B 193 10.86 -7.71 2.72
N TRP B 194 10.71 -6.90 1.67
CA TRP B 194 11.34 -7.18 0.39
C TRP B 194 11.61 -5.86 -0.32
N TYR B 195 12.85 -5.67 -0.77
CA TYR B 195 13.24 -4.53 -1.60
C TYR B 195 13.47 -5.03 -3.02
N PRO B 196 12.47 -4.96 -3.90
CA PRO B 196 12.64 -5.57 -5.24
C PRO B 196 13.80 -5.01 -6.04
N LYS B 197 14.08 -3.70 -5.93
CA LYS B 197 15.14 -3.11 -6.74
C LYS B 197 16.48 -3.75 -6.45
N PHE B 198 16.82 -3.92 -5.18
CA PHE B 198 18.03 -4.60 -4.75
C PHE B 198 17.80 -6.08 -4.50
N ASN B 199 16.57 -6.53 -4.64
CA ASN B 199 16.16 -7.91 -4.43
C ASN B 199 16.74 -8.43 -3.11
N PHE B 200 16.33 -7.76 -2.04
CA PHE B 200 16.81 -8.01 -0.68
C PHE B 200 15.61 -8.33 0.21
N SER B 201 15.73 -9.42 0.98
CA SER B 201 14.64 -9.88 1.82
C SER B 201 15.13 -10.06 3.26
N LYS B 202 14.25 -9.73 4.20
CA LYS B 202 14.52 -9.95 5.61
C LYS B 202 13.20 -10.03 6.36
N ARG B 203 13.24 -10.72 7.50
CA ARG B 203 12.09 -10.81 8.39
C ARG B 203 12.46 -10.24 9.75
N ASN B 204 11.44 -9.79 10.49
CA ASN B 204 11.67 -9.05 11.71
C ASN B 204 12.13 -9.91 12.88
N ILE B 205 12.06 -11.23 12.75
CA ILE B 205 12.68 -12.14 13.72
C ILE B 205 14.14 -12.29 13.29
N LEU B 206 15.04 -11.63 14.02
CA LEU B 206 16.41 -11.52 13.58
C LEU B 206 17.14 -12.85 13.73
N PRO B 207 18.29 -13.01 13.06
CA PRO B 207 19.03 -14.27 13.17
C PRO B 207 19.48 -14.63 14.57
N ASN B 208 19.67 -13.68 15.48
CA ASN B 208 20.09 -14.05 16.83
C ASN B 208 18.91 -14.26 17.77
N ILE B 209 17.68 -14.10 17.28
CA ILE B 209 16.48 -14.30 18.10
C ILE B 209 16.07 -15.76 18.00
N THR B 210 16.25 -16.50 19.09
CA THR B 210 16.05 -17.95 19.11
C THR B 210 14.62 -18.30 19.47
N THR B 211 14.32 -19.61 19.38
CA THR B 211 12.98 -20.10 19.71
C THR B 211 12.73 -20.07 21.21
N THR B 212 13.75 -20.39 22.02
CA THR B 212 13.58 -20.36 23.46
C THR B 212 13.29 -18.95 23.95
N TYR B 213 13.98 -17.95 23.40
CA TYR B 213 13.76 -16.57 23.80
C TYR B 213 12.35 -16.11 23.44
N LEU B 214 11.86 -16.49 22.26
CA LEU B 214 10.55 -16.06 21.80
C LEU B 214 9.40 -16.70 22.56
N LYS B 215 9.67 -17.67 23.42
CA LYS B 215 8.60 -18.33 24.17
C LYS B 215 8.13 -17.51 25.36
N SER B 216 8.93 -16.56 25.84
CA SER B 216 8.57 -15.82 27.05
C SER B 216 8.88 -14.34 26.97
N CYS B 217 9.25 -13.79 25.81
CA CYS B 217 9.66 -12.40 25.73
C CYS B 217 8.45 -11.49 25.56
N ILE B 218 8.59 -10.26 26.05
CA ILE B 218 7.64 -9.18 25.82
C ILE B 218 8.43 -7.96 25.39
N TYR B 219 7.92 -7.26 24.38
CA TYR B 219 8.66 -6.13 23.82
C TYR B 219 8.87 -5.04 24.87
N ASP B 220 10.10 -4.53 24.92
CA ASP B 220 10.44 -3.35 25.70
C ASP B 220 11.42 -2.52 24.89
N ALA B 221 11.19 -1.20 24.86
CA ALA B 221 12.03 -0.34 24.04
C ALA B 221 13.49 -0.35 24.51
N LYS B 222 13.72 -0.63 25.79
CA LYS B 222 15.06 -0.59 26.37
C LYS B 222 15.67 -1.97 26.55
N THR B 223 14.92 -2.93 27.08
CA THR B 223 15.47 -4.23 27.43
C THR B 223 15.28 -5.29 26.36
N ASP B 224 14.17 -5.26 25.62
CA ASP B 224 13.85 -6.26 24.60
C ASP B 224 13.39 -5.55 23.34
N PRO B 225 14.27 -4.80 22.68
CA PRO B 225 13.84 -3.98 21.53
C PRO B 225 13.51 -4.78 20.29
N PHE B 226 13.72 -6.10 20.28
CA PHE B 226 13.49 -6.90 19.08
C PHE B 226 12.59 -8.10 19.34
N CYS B 227 11.90 -8.15 20.47
CA CYS B 227 10.88 -9.16 20.67
C CYS B 227 9.61 -8.73 19.94
N PRO B 228 9.09 -9.53 19.00
CA PRO B 228 7.93 -9.08 18.21
C PRO B 228 6.59 -9.34 18.89
N ILE B 229 6.61 -9.57 20.19
CA ILE B 229 5.40 -9.89 20.96
C ILE B 229 5.10 -8.72 21.89
N PHE B 230 3.91 -8.12 21.71
CA PHE B 230 3.52 -6.92 22.42
C PHE B 230 2.30 -7.19 23.28
N ARG B 231 2.29 -6.61 24.49
CA ARG B 231 1.11 -6.61 25.34
C ARG B 231 0.22 -5.42 24.96
N LEU B 232 -1.08 -5.68 24.85
CA LEU B 232 -2.00 -4.67 24.31
C LEU B 232 -2.04 -3.42 25.19
N GLY B 233 -2.18 -3.62 26.50
CA GLY B 233 -2.18 -2.47 27.39
C GLY B 233 -0.93 -1.65 27.28
N LYS B 234 0.23 -2.31 27.15
CA LYS B 234 1.48 -1.60 26.98
C LYS B 234 1.56 -0.91 25.62
N ILE B 235 0.98 -1.51 24.58
CA ILE B 235 0.94 -0.84 23.28
C ILE B 235 0.19 0.49 23.40
N VAL B 236 -0.96 0.46 24.07
CA VAL B 236 -1.73 1.69 24.22
C VAL B 236 -0.98 2.69 25.10
N GLU B 237 -0.35 2.20 26.17
CA GLU B 237 0.37 3.10 27.06
C GLU B 237 1.55 3.79 26.37
N ASN B 238 2.28 3.07 25.53
CA ASN B 238 3.43 3.67 24.85
C ASN B 238 3.01 4.71 23.82
N ALA B 239 1.76 4.71 23.41
CA ALA B 239 1.25 5.75 22.52
C ALA B 239 0.79 6.99 23.26
N GLY B 240 0.86 6.99 24.59
CA GLY B 240 0.46 8.14 25.37
C GLY B 240 -0.98 8.13 25.81
N HIS B 241 -1.60 6.97 25.95
CA HIS B 241 -3.02 6.87 26.26
C HIS B 241 -3.23 5.81 27.33
N SER B 242 -4.48 5.62 27.73
CA SER B 242 -4.87 4.67 28.76
C SER B 242 -5.73 3.58 28.12
N PHE B 243 -5.39 2.31 28.41
CA PHE B 243 -6.12 1.22 27.80
C PHE B 243 -7.54 1.12 28.32
N GLN B 244 -7.74 1.32 29.63
CA GLN B 244 -9.07 1.18 30.20
C GLN B 244 -10.01 2.28 29.68
N ASP B 245 -9.49 3.50 29.53
CA ASP B 245 -10.29 4.57 28.94
C ASP B 245 -10.64 4.26 27.49
N MET B 246 -9.67 3.76 26.73
CA MET B 246 -9.86 3.50 25.31
C MET B 246 -10.71 2.26 25.04
N ALA B 247 -10.88 1.39 26.03
CA ALA B 247 -11.60 0.14 25.83
C ALA B 247 -13.11 0.29 25.95
N VAL B 248 -13.60 1.40 26.52
CA VAL B 248 -15.03 1.58 26.70
C VAL B 248 -15.72 1.80 25.37
N GLU B 249 -15.18 2.69 24.54
CA GLU B 249 -15.78 3.00 23.23
C GLU B 249 -14.95 2.53 22.05
N GLY B 250 -13.74 2.04 22.27
CA GLY B 250 -12.91 1.56 21.18
C GLY B 250 -12.03 2.65 20.58
N GLY B 251 -11.23 2.23 19.61
CA GLY B 251 -10.34 3.15 18.93
C GLY B 251 -9.47 2.42 17.93
N ILE B 252 -8.55 3.16 17.33
CA ILE B 252 -7.61 2.62 16.34
C ILE B 252 -6.20 2.91 16.83
N MET B 253 -5.38 1.87 16.90
CA MET B 253 -4.00 1.96 17.36
C MET B 253 -3.07 1.54 16.24
N GLY B 254 -2.06 2.37 15.97
CA GLY B 254 -1.09 2.09 14.95
C GLY B 254 0.19 1.53 15.53
N ILE B 255 0.58 0.35 15.08
CA ILE B 255 1.89 -0.23 15.36
C ILE B 255 2.67 -0.09 14.06
N GLN B 256 3.64 0.83 14.04
CA GLN B 256 4.37 1.14 12.82
C GLN B 256 5.79 0.61 12.91
N VAL B 257 6.21 -0.11 11.87
CA VAL B 257 7.52 -0.73 11.81
C VAL B 257 8.33 0.01 10.76
N ASN B 258 9.48 0.54 11.16
CA ASN B 258 10.35 1.29 10.27
C ASN B 258 11.52 0.43 9.85
N TRP B 259 11.74 0.33 8.54
CA TRP B 259 12.82 -0.49 7.99
C TRP B 259 13.79 0.36 7.19
N ASP B 260 14.20 1.48 7.74
CA ASP B 260 15.21 2.32 7.09
C ASP B 260 16.54 1.62 7.16
N CYS B 261 17.05 1.17 6.02
CA CYS B 261 18.27 0.38 5.99
C CYS B 261 19.25 0.95 4.98
N ASN B 262 20.54 0.74 5.24
CA ASN B 262 21.62 1.13 4.34
C ASN B 262 22.25 -0.16 3.83
N LEU B 263 21.90 -0.54 2.60
CA LEU B 263 22.36 -1.80 2.03
C LEU B 263 23.80 -1.74 1.53
N ASP B 264 24.51 -0.65 1.78
CA ASP B 264 25.96 -0.65 1.59
C ASP B 264 26.68 -1.42 2.69
N ARG B 265 26.05 -1.57 3.85
CA ARG B 265 26.64 -2.23 5.00
C ARG B 265 26.10 -3.65 5.12
N ALA B 266 26.51 -4.34 6.18
CA ALA B 266 26.09 -5.72 6.38
C ALA B 266 24.58 -5.80 6.58
N ALA B 267 23.98 -6.88 6.08
CA ALA B 267 22.55 -7.09 6.25
C ALA B 267 22.16 -7.20 7.71
N SER B 268 23.11 -7.53 8.59
CA SER B 268 22.81 -7.66 10.02
C SER B 268 22.41 -6.33 10.64
N LEU B 269 22.69 -5.21 9.98
CA LEU B 269 22.36 -3.89 10.51
C LEU B 269 21.04 -3.36 9.96
N CYS B 270 20.36 -4.10 9.10
CA CYS B 270 19.03 -3.73 8.63
C CYS B 270 18.03 -4.20 9.67
N LEU B 271 17.64 -3.31 10.58
CA LEU B 271 16.88 -3.67 11.75
C LEU B 271 15.54 -2.94 11.79
N PRO B 272 14.50 -3.55 12.38
CA PRO B 272 13.22 -2.85 12.51
C PRO B 272 13.15 -1.99 13.77
N ARG B 273 12.48 -0.85 13.63
CA ARG B 273 12.25 0.09 14.71
C ARG B 273 10.75 0.23 14.92
N TYR B 274 10.30 0.12 16.17
CA TYR B 274 8.89 0.08 16.51
C TYR B 274 8.47 1.37 17.21
N SER B 275 7.34 1.93 16.80
CA SER B 275 6.72 3.06 17.48
C SER B 275 5.21 2.87 17.44
N PHE B 276 4.51 3.62 18.30
CA PHE B 276 3.09 3.44 18.50
C PHE B 276 2.39 4.79 18.46
N ARG B 277 1.28 4.87 17.73
CA ARG B 277 0.55 6.11 17.53
C ARG B 277 -0.94 5.81 17.45
N ARG B 278 -1.74 6.55 18.22
CA ARG B 278 -3.18 6.42 18.11
C ARG B 278 -3.68 7.08 16.84
N LEU B 279 -4.54 6.37 16.10
CA LEU B 279 -4.97 6.81 14.78
C LEU B 279 -6.36 7.43 14.76
N ASP B 280 -7.14 7.30 15.82
CA ASP B 280 -8.43 7.96 15.93
C ASP B 280 -8.33 9.14 16.90
N THR B 281 -9.28 10.06 16.77
CA THR B 281 -9.23 11.35 17.46
C THR B 281 -10.41 11.48 18.40
N ARG B 282 -10.15 12.11 19.56
CA ARG B 282 -11.19 12.46 20.52
C ARG B 282 -11.55 13.92 20.33
N ASP B 283 -12.74 14.19 19.80
CA ASP B 283 -13.18 15.56 19.55
C ASP B 283 -14.71 15.54 19.55
N VAL B 284 -15.32 15.95 20.66
CA VAL B 284 -16.77 15.88 20.80
C VAL B 284 -17.50 16.94 19.98
N GLU B 285 -16.77 17.90 19.40
CA GLU B 285 -17.38 18.96 18.62
C GLU B 285 -17.11 18.86 17.13
N HIS B 286 -16.14 18.04 16.71
CA HIS B 286 -15.76 17.90 15.32
C HIS B 286 -15.57 16.43 14.95
N ASN B 287 -16.54 15.59 15.30
CA ASN B 287 -16.42 14.17 15.02
C ASN B 287 -17.80 13.58 14.75
N VAL B 288 -17.79 12.43 14.08
CA VAL B 288 -18.98 11.62 13.85
C VAL B 288 -18.59 10.16 14.02
N SER B 289 -19.40 9.40 14.74
CA SER B 289 -19.11 8.01 15.08
C SER B 289 -17.78 7.91 15.82
N PRO B 290 -17.70 8.45 17.04
CA PRO B 290 -16.43 8.38 17.78
C PRO B 290 -16.12 6.97 18.25
N GLY B 291 -14.87 6.78 18.65
CA GLY B 291 -14.43 5.47 19.08
C GLY B 291 -14.31 4.52 17.90
N TYR B 292 -14.71 3.27 18.12
CA TYR B 292 -14.70 2.28 17.06
C TYR B 292 -15.64 1.14 17.43
N ASN B 293 -16.63 0.88 16.60
CA ASN B 293 -17.55 -0.22 16.83
C ASN B 293 -18.18 -0.63 15.50
N PHE B 294 -18.71 -1.85 15.49
CA PHE B 294 -19.46 -2.35 14.35
C PHE B 294 -20.40 -3.43 14.86
N ARG B 295 -21.37 -3.78 14.01
CA ARG B 295 -22.39 -4.76 14.36
C ARG B 295 -22.22 -6.01 13.51
N PHE B 296 -22.31 -7.17 14.17
CA PHE B 296 -22.39 -8.44 13.47
C PHE B 296 -23.34 -9.34 14.25
N ALA B 297 -23.77 -10.42 13.62
CA ALA B 297 -24.81 -11.26 14.18
C ALA B 297 -24.43 -12.74 14.05
N LYS B 298 -24.98 -13.54 14.97
CA LYS B 298 -24.96 -14.99 14.89
C LYS B 298 -26.35 -15.46 14.55
N TYR B 299 -26.46 -16.32 13.54
CA TYR B 299 -27.76 -16.72 12.98
C TYR B 299 -28.12 -18.12 13.43
N TYR B 300 -29.37 -18.28 13.85
CA TYR B 300 -29.92 -19.55 14.29
C TYR B 300 -31.20 -19.84 13.50
N ARG B 301 -31.90 -20.89 13.91
CA ARG B 301 -33.05 -21.37 13.17
C ARG B 301 -34.02 -22.01 14.15
N ASP B 302 -35.28 -21.61 14.08
CA ASP B 302 -36.30 -22.18 14.94
C ASP B 302 -36.64 -23.61 14.49
N LEU B 303 -37.30 -24.36 15.37
CA LEU B 303 -37.69 -25.72 15.02
C LEU B 303 -38.53 -25.77 13.76
N ALA B 304 -39.33 -24.72 13.52
CA ALA B 304 -40.13 -24.63 12.31
C ALA B 304 -39.37 -24.08 11.11
N GLY B 305 -38.10 -23.70 11.30
CA GLY B 305 -37.30 -23.14 10.23
C GLY B 305 -37.27 -21.63 10.18
N ASN B 306 -37.87 -20.95 11.16
CA ASN B 306 -37.86 -19.49 11.18
C ASN B 306 -36.49 -18.98 11.62
N GLU B 307 -36.07 -17.88 11.01
CA GLU B 307 -34.76 -17.32 11.26
C GLU B 307 -34.73 -16.53 12.56
N GLN B 308 -33.68 -16.75 13.34
CA GLN B 308 -33.42 -15.99 14.57
C GLN B 308 -31.95 -15.62 14.59
N ARG B 309 -31.62 -14.55 15.32
CA ARG B 309 -30.24 -14.10 15.38
C ARG B 309 -29.97 -13.43 16.71
N THR B 310 -28.71 -13.47 17.12
CA THR B 310 -28.18 -12.66 18.22
C THR B 310 -27.36 -11.53 17.60
N LEU B 311 -27.73 -10.30 17.93
CA LEU B 311 -27.03 -9.13 17.43
C LEU B 311 -26.00 -8.68 18.44
N ILE B 312 -24.77 -8.47 17.97
CA ILE B 312 -23.65 -8.03 18.81
C ILE B 312 -23.19 -6.68 18.30
N LYS B 313 -23.20 -5.67 19.16
CA LYS B 313 -22.53 -4.41 18.91
C LYS B 313 -21.18 -4.47 19.61
N ALA B 314 -20.11 -4.58 18.83
CA ALA B 314 -18.77 -4.83 19.34
C ALA B 314 -17.96 -3.54 19.34
N TYR B 315 -17.63 -3.05 20.53
CA TYR B 315 -16.63 -2.01 20.69
C TYR B 315 -15.27 -2.68 20.90
N GLY B 316 -14.24 -2.05 20.36
CA GLY B 316 -12.91 -2.60 20.54
C GLY B 316 -11.87 -1.74 19.88
N ILE B 317 -10.63 -2.21 19.95
CA ILE B 317 -9.47 -1.49 19.43
C ILE B 317 -8.97 -2.24 18.20
N ARG B 318 -8.85 -1.53 17.09
CA ARG B 318 -8.26 -2.08 15.87
C ARG B 318 -6.78 -1.74 15.85
N PHE B 319 -5.94 -2.76 15.77
CA PHE B 319 -4.48 -2.59 15.71
C PHE B 319 -4.05 -2.69 14.26
N ASP B 320 -3.56 -1.57 13.72
CA ASP B 320 -3.08 -1.52 12.34
C ASP B 320 -1.56 -1.65 12.33
N ILE B 321 -1.04 -2.48 11.43
CA ILE B 321 0.40 -2.66 11.27
C ILE B 321 0.82 -1.84 10.07
N ILE B 322 1.65 -0.83 10.31
CA ILE B 322 2.07 0.12 9.30
C ILE B 322 3.57 -0.09 9.07
N VAL B 323 3.93 -0.65 7.94
CA VAL B 323 5.32 -0.95 7.61
C VAL B 323 5.77 0.02 6.53
N PHE B 324 6.83 0.77 6.82
CA PHE B 324 7.36 1.76 5.90
C PHE B 324 8.88 1.77 6.04
N GLY B 325 9.53 2.38 5.07
CA GLY B 325 10.98 2.52 5.09
C GLY B 325 11.55 2.49 3.69
N LYS B 326 12.77 2.99 3.57
CA LYS B 326 13.50 3.01 2.32
C LYS B 326 14.88 2.42 2.53
N ALA B 327 15.34 1.63 1.55
CA ALA B 327 16.70 1.13 1.53
C ALA B 327 17.55 1.99 0.61
N GLY B 328 18.85 2.04 0.90
CA GLY B 328 19.76 2.83 0.09
C GLY B 328 21.00 2.05 -0.32
N LYS B 329 21.37 2.16 -1.59
CA LYS B 329 22.58 1.54 -2.11
C LYS B 329 23.29 2.54 -3.00
N PHE B 330 24.62 2.45 -3.03
CA PHE B 330 25.41 3.37 -3.86
C PHE B 330 25.03 3.21 -5.33
N ASP B 331 24.82 4.35 -5.99
CA ASP B 331 24.57 4.40 -7.42
C ASP B 331 25.42 5.49 -8.04
N ILE B 332 25.84 5.27 -9.28
CA ILE B 332 26.77 6.19 -9.92
C ILE B 332 26.05 7.42 -10.48
N ILE B 333 24.77 7.30 -10.84
CA ILE B 333 24.04 8.39 -11.47
C ILE B 333 23.87 9.56 -10.50
N PRO B 334 23.29 9.35 -9.31
CA PRO B 334 23.22 10.47 -8.35
C PRO B 334 24.59 11.01 -7.96
N THR B 335 25.59 10.13 -7.86
CA THR B 335 26.94 10.57 -7.52
C THR B 335 27.46 11.56 -8.55
N MET B 336 27.34 11.21 -9.84
CA MET B 336 27.85 12.08 -10.88
C MET B 336 27.00 13.35 -11.03
N ILE B 337 25.68 13.24 -10.79
CA ILE B 337 24.85 14.43 -10.83
C ILE B 337 25.32 15.42 -9.76
N ASN B 338 25.59 14.93 -8.55
CA ASN B 338 26.03 15.82 -7.48
C ASN B 338 27.42 16.37 -7.74
N ILE B 339 28.32 15.56 -8.31
CA ILE B 339 29.66 16.03 -8.62
C ILE B 339 29.59 17.15 -9.67
N GLY B 340 28.79 16.95 -10.72
CA GLY B 340 28.63 17.99 -11.72
C GLY B 340 27.98 19.25 -11.17
N SER B 341 26.99 19.07 -10.30
CA SER B 341 26.36 20.22 -9.67
C SER B 341 27.37 21.02 -8.85
N GLY B 342 28.21 20.33 -8.08
CA GLY B 342 29.24 21.04 -7.32
C GLY B 342 30.24 21.74 -8.21
N LEU B 343 30.65 21.09 -9.30
CA LEU B 343 31.56 21.73 -10.24
C LEU B 343 30.95 23.01 -10.80
N ALA B 344 29.68 22.97 -11.17
CA ALA B 344 29.01 24.17 -11.67
C ALA B 344 28.90 25.24 -10.58
N LEU B 345 28.56 24.83 -9.35
CA LEU B 345 28.37 25.78 -8.26
C LEU B 345 29.68 26.44 -7.83
N LEU B 346 30.83 25.82 -8.14
CA LEU B 346 32.09 26.45 -7.78
C LEU B 346 32.34 27.76 -8.52
N GLY B 347 31.56 28.07 -9.57
CA GLY B 347 31.72 29.32 -10.29
C GLY B 347 31.07 30.52 -9.67
N MET B 348 30.20 30.32 -8.67
CA MET B 348 29.62 31.47 -7.96
C MET B 348 30.70 32.28 -7.26
N ALA B 349 31.74 31.62 -6.76
CA ALA B 349 32.85 32.36 -6.18
C ALA B 349 33.50 33.27 -7.21
N THR B 350 33.71 32.76 -8.41
CA THR B 350 34.28 33.59 -9.47
C THR B 350 33.37 34.77 -9.80
N VAL B 351 32.06 34.52 -9.88
CA VAL B 351 31.12 35.60 -10.19
C VAL B 351 31.19 36.69 -9.13
N LEU B 352 31.11 36.30 -7.85
CA LEU B 352 31.09 37.27 -6.76
C LEU B 352 32.41 38.04 -6.70
N CYS B 353 33.53 37.34 -6.83
CA CYS B 353 34.83 37.99 -6.79
C CYS B 353 35.02 38.91 -7.99
N ASP B 354 34.48 38.55 -9.15
CA ASP B 354 34.53 39.45 -10.30
C ASP B 354 33.73 40.72 -10.02
N ILE B 355 32.55 40.59 -9.43
CA ILE B 355 31.78 41.77 -9.08
C ILE B 355 32.60 42.69 -8.18
N ILE B 356 33.21 42.12 -7.14
CA ILE B 356 34.00 42.93 -6.22
C ILE B 356 35.18 43.57 -6.94
N VAL B 357 35.89 42.80 -7.77
CA VAL B 357 37.10 43.30 -8.41
C VAL B 357 36.77 44.42 -9.39
N LEU B 358 35.63 44.33 -10.07
CA LEU B 358 35.31 45.24 -11.16
C LEU B 358 34.47 46.43 -10.72
N TYR B 359 33.80 46.37 -9.57
CA TYR B 359 32.90 47.43 -9.15
C TYR B 359 33.13 47.97 -7.75
N CYS B 360 33.88 47.28 -6.89
CA CYS B 360 34.09 47.70 -5.51
C CYS B 360 35.58 47.69 -5.18
N MET B 361 36.39 48.27 -6.06
CA MET B 361 37.83 48.32 -5.88
C MET B 361 38.33 49.69 -6.30
N LYS B 362 39.47 50.09 -5.73
CA LYS B 362 40.07 51.37 -6.08
C LYS B 362 40.66 51.32 -7.49
N LYS B 363 41.33 50.22 -7.85
CA LYS B 363 41.93 50.04 -9.16
C LYS B 363 41.03 49.30 -10.14
N ARG B 364 39.71 49.41 -9.97
CA ARG B 364 38.79 48.60 -10.76
C ARG B 364 38.95 48.85 -12.25
N LEU B 365 39.29 50.07 -12.66
CA LEU B 365 39.48 50.36 -14.07
C LEU B 365 40.69 49.62 -14.63
N TYR B 366 41.78 49.56 -13.85
CA TYR B 366 42.96 48.82 -14.30
C TYR B 366 42.66 47.35 -14.48
N TYR B 367 41.92 46.75 -13.54
CA TYR B 367 41.55 45.35 -13.67
C TYR B 367 40.59 45.14 -14.84
N ARG B 368 39.68 46.08 -15.06
CA ARG B 368 38.78 45.99 -16.20
C ARG B 368 39.57 45.99 -17.51
N GLU B 369 40.60 46.84 -17.59
CA GLU B 369 41.45 46.85 -18.77
C GLU B 369 42.22 45.54 -18.91
N LYS B 370 42.69 44.98 -17.80
CA LYS B 370 43.48 43.75 -17.85
C LYS B 370 42.63 42.55 -18.24
N LYS B 371 41.35 42.53 -17.82
CA LYS B 371 40.52 41.36 -17.99
C LYS B 371 39.81 41.32 -19.33
N TYR B 372 39.34 42.46 -19.84
CA TYR B 372 38.53 42.51 -21.05
C TYR B 372 39.34 43.07 -22.21
N LYS B 373 39.21 42.45 -23.37
CA LYS B 373 39.84 42.89 -24.60
C LYS B 373 38.74 43.28 -25.59
N TYR B 374 38.81 44.50 -26.10
CA TYR B 374 37.83 44.99 -27.07
C TYR B 374 38.35 44.75 -28.48
N VAL B 375 37.60 44.00 -29.27
CA VAL B 375 38.00 43.68 -30.63
C VAL B 375 37.55 44.81 -31.54
N GLU B 376 38.51 45.43 -32.23
CA GLU B 376 38.22 46.58 -33.08
C GLU B 376 38.95 46.46 -34.41
N GLY C 3 26.13 57.55 -18.57
CA GLY C 3 25.04 57.25 -19.49
C GLY C 3 24.47 55.86 -19.30
N CYS C 4 23.33 55.78 -18.60
CA CYS C 4 22.70 54.48 -18.38
C CYS C 4 22.29 53.83 -19.69
N CYS C 5 21.73 54.62 -20.61
CA CYS C 5 21.31 54.06 -21.89
C CYS C 5 22.49 53.50 -22.67
N ALA C 6 23.62 54.23 -22.66
CA ALA C 6 24.82 53.73 -23.33
C ALA C 6 25.29 52.43 -22.69
N ALA C 7 25.26 52.35 -21.36
CA ALA C 7 25.65 51.12 -20.69
C ALA C 7 24.74 49.96 -21.06
N LEU C 8 23.43 50.21 -21.11
CA LEU C 8 22.50 49.15 -21.49
C LEU C 8 22.75 48.70 -22.93
N ALA C 9 22.99 49.65 -23.83
CA ALA C 9 23.27 49.29 -25.21
C ALA C 9 24.55 48.46 -25.31
N ALA C 10 25.58 48.84 -24.55
CA ALA C 10 26.81 48.06 -24.54
C ALA C 10 26.55 46.66 -24.01
N PHE C 11 25.73 46.53 -22.96
CA PHE C 11 25.40 45.22 -22.44
C PHE C 11 24.68 44.37 -23.47
N LEU C 12 23.79 44.98 -24.24
CA LEU C 12 22.98 44.21 -25.19
C LEU C 12 23.69 43.96 -26.50
N PHE C 13 24.54 44.88 -26.95
CA PHE C 13 25.14 44.82 -28.29
C PHE C 13 26.61 44.43 -28.25
N GLU C 14 27.03 43.65 -27.25
CA GLU C 14 28.38 43.12 -27.19
C GLU C 14 28.33 41.65 -26.80
N TYR C 15 29.19 40.86 -27.41
CA TYR C 15 29.29 39.43 -27.13
C TYR C 15 30.64 39.14 -26.47
N ASP C 16 30.61 38.40 -25.37
CA ASP C 16 31.80 38.11 -24.58
C ASP C 16 32.12 36.63 -24.66
N THR C 17 33.35 36.31 -25.07
CA THR C 17 33.81 34.94 -25.17
C THR C 17 35.21 34.84 -24.59
N PRO C 18 35.56 33.74 -23.93
CA PRO C 18 36.88 33.64 -23.31
C PRO C 18 38.00 33.50 -24.32
N ARG C 19 39.19 33.94 -23.91
N ARG C 19 39.19 33.94 -23.91
CA ARG C 19 40.40 33.75 -24.68
CA ARG C 19 40.40 33.73 -24.70
C ARG C 19 40.97 32.36 -24.42
C ARG C 19 40.97 32.36 -24.42
N ILE C 20 41.47 31.71 -25.46
CA ILE C 20 41.93 30.33 -25.40
C ILE C 20 43.39 30.24 -25.84
N VAL C 21 44.15 29.39 -25.15
CA VAL C 21 45.52 29.05 -25.53
C VAL C 21 45.49 27.68 -26.20
N LEU C 22 46.06 27.58 -27.39
CA LEU C 22 46.10 26.33 -28.15
C LEU C 22 47.51 25.77 -28.09
N ILE C 23 47.68 24.68 -27.34
CA ILE C 23 48.96 24.00 -27.20
C ILE C 23 48.98 22.81 -28.14
N ARG C 24 50.00 22.72 -28.97
CA ARG C 24 50.12 21.67 -29.97
C ARG C 24 50.89 20.51 -29.36
N SER C 25 50.16 19.48 -28.91
CA SER C 25 50.76 18.30 -28.32
C SER C 25 49.88 17.10 -28.65
N ARG C 26 50.47 16.07 -29.25
CA ARG C 26 49.70 14.89 -29.65
C ARG C 26 49.17 14.15 -28.44
N LYS C 27 50.03 13.89 -27.46
CA LYS C 27 49.63 13.07 -26.31
C LYS C 27 48.55 13.77 -25.50
N VAL C 28 48.76 15.05 -25.16
CA VAL C 28 47.81 15.76 -24.32
C VAL C 28 46.48 15.94 -25.05
N GLY C 29 46.53 16.29 -26.33
CA GLY C 29 45.30 16.44 -27.09
C GLY C 29 44.53 15.13 -27.20
N LEU C 30 45.24 14.03 -27.47
CA LEU C 30 44.58 12.74 -27.57
C LEU C 30 43.95 12.34 -26.24
N MET C 31 44.66 12.57 -25.13
CA MET C 31 44.10 12.27 -23.82
C MET C 31 42.87 13.13 -23.54
N ASN C 32 42.93 14.41 -23.89
CA ASN C 32 41.78 15.29 -23.70
C ASN C 32 40.56 14.75 -24.45
N ARG C 33 40.76 14.39 -25.72
CA ARG C 33 39.65 13.87 -26.52
C ARG C 33 39.15 12.53 -25.97
N ALA C 34 40.06 11.68 -25.49
CA ALA C 34 39.66 10.40 -24.93
C ALA C 34 38.79 10.59 -23.68
N VAL C 35 39.19 11.49 -22.78
CA VAL C 35 38.41 11.73 -21.58
C VAL C 35 37.06 12.34 -21.94
N GLN C 36 37.05 13.28 -22.90
CA GLN C 36 35.77 13.87 -23.31
C GLN C 36 34.85 12.81 -23.92
N LEU C 37 35.40 11.92 -24.74
CA LEU C 37 34.60 10.85 -25.32
C LEU C 37 34.07 9.91 -24.24
N LEU C 38 34.89 9.67 -23.21
CA LEU C 38 34.53 8.77 -22.09
C LEU C 38 33.38 9.40 -21.29
N ILE C 39 33.38 10.72 -21.11
CA ILE C 39 32.29 11.41 -20.41
C ILE C 39 31.03 11.44 -21.26
N LEU C 40 31.17 11.71 -22.56
CA LEU C 40 29.99 11.74 -23.43
C LEU C 40 29.35 10.36 -23.54
N ALA C 41 30.17 9.32 -23.68
CA ALA C 41 29.63 7.96 -23.74
C ALA C 41 28.89 7.62 -22.46
N TYR C 42 29.46 7.95 -21.31
CA TYR C 42 28.73 7.78 -20.07
C TYR C 42 27.38 8.49 -20.14
N VAL C 43 27.40 9.81 -20.34
CA VAL C 43 26.19 10.61 -20.22
C VAL C 43 25.11 10.11 -21.16
N ILE C 44 25.48 9.75 -22.39
CA ILE C 44 24.47 9.31 -23.34
C ILE C 44 24.09 7.86 -23.06
N GLY C 45 25.03 6.94 -23.24
CA GLY C 45 24.69 5.52 -23.20
C GLY C 45 24.11 5.09 -21.86
N TRP C 46 24.78 5.45 -20.77
CA TRP C 46 24.34 4.93 -19.48
C TRP C 46 23.16 5.72 -18.93
N VAL C 47 23.30 7.05 -18.85
CA VAL C 47 22.27 7.86 -18.20
C VAL C 47 21.00 7.91 -19.05
N PHE C 48 21.15 8.13 -20.37
CA PHE C 48 19.98 8.34 -21.21
C PHE C 48 19.48 7.04 -21.83
N VAL C 49 20.34 6.38 -22.61
CA VAL C 49 19.88 5.22 -23.38
C VAL C 49 19.58 4.05 -22.47
N TRP C 50 20.47 3.77 -21.50
CA TRP C 50 20.34 2.56 -20.70
C TRP C 50 19.40 2.75 -19.53
N GLU C 51 19.66 3.75 -18.70
CA GLU C 51 18.89 3.96 -17.47
C GLU C 51 17.72 4.92 -17.65
N LYS C 52 17.51 5.44 -18.85
CA LYS C 52 16.37 6.31 -19.16
C LYS C 52 16.30 7.50 -18.20
N GLY C 53 17.38 8.29 -18.23
CA GLY C 53 17.45 9.49 -17.42
C GLY C 53 16.60 10.63 -17.91
N TYR C 54 15.90 10.46 -19.03
CA TYR C 54 15.04 11.47 -19.59
C TYR C 54 13.58 11.31 -19.20
N GLN C 55 13.27 10.44 -18.23
CA GLN C 55 11.90 10.07 -17.91
C GLN C 55 11.58 10.40 -16.46
N GLU C 56 10.33 10.80 -16.24
CA GLU C 56 9.74 10.85 -14.91
C GLU C 56 9.00 9.53 -14.63
N THR C 57 8.86 9.21 -13.35
CA THR C 57 8.30 7.93 -12.95
C THR C 57 7.10 8.13 -12.03
N ASP C 58 6.27 7.09 -11.96
CA ASP C 58 5.08 7.08 -11.13
C ASP C 58 4.81 5.66 -10.65
N SER C 59 4.43 5.52 -9.39
CA SER C 59 4.12 4.22 -8.84
C SER C 59 2.68 3.81 -9.18
N VAL C 60 2.44 2.51 -9.15
CA VAL C 60 1.19 1.94 -9.61
C VAL C 60 0.17 1.92 -8.48
N VAL C 61 -1.09 2.14 -8.82
CA VAL C 61 -2.22 1.99 -7.90
C VAL C 61 -3.06 0.84 -8.41
N SER C 62 -3.27 -0.17 -7.56
CA SER C 62 -3.80 -1.45 -8.00
C SER C 62 -5.03 -1.84 -7.21
N SER C 63 -5.96 -2.54 -7.88
CA SER C 63 -7.08 -3.19 -7.24
C SER C 63 -7.14 -4.63 -7.75
N VAL C 64 -7.43 -5.56 -6.85
CA VAL C 64 -7.31 -6.99 -7.13
C VAL C 64 -8.61 -7.70 -6.77
N THR C 65 -9.00 -8.66 -7.59
CA THR C 65 -10.14 -9.55 -7.32
C THR C 65 -9.67 -10.99 -7.51
N THR C 66 -9.96 -11.84 -6.53
CA THR C 66 -9.51 -13.23 -6.54
C THR C 66 -10.69 -14.17 -6.35
N LYS C 67 -10.70 -15.27 -7.11
CA LYS C 67 -11.70 -16.32 -6.97
C LYS C 67 -11.04 -17.68 -7.11
N VAL C 68 -11.46 -18.63 -6.28
CA VAL C 68 -10.96 -20.00 -6.30
C VAL C 68 -12.06 -20.92 -6.79
N LYS C 69 -11.67 -21.97 -7.51
CA LYS C 69 -12.59 -22.99 -8.00
C LYS C 69 -12.05 -24.36 -7.63
N GLY C 70 -12.94 -25.24 -7.19
CA GLY C 70 -12.58 -26.61 -6.85
C GLY C 70 -13.35 -27.10 -5.64
N VAL C 71 -13.56 -28.40 -5.59
CA VAL C 71 -14.27 -29.05 -4.50
C VAL C 71 -13.53 -30.32 -4.12
N ALA C 72 -13.46 -30.61 -2.82
CA ALA C 72 -12.82 -31.81 -2.31
C ALA C 72 -13.84 -32.65 -1.55
N VAL C 73 -13.74 -33.96 -1.72
CA VAL C 73 -14.62 -34.91 -1.04
C VAL C 73 -13.77 -35.85 -0.20
N THR C 74 -13.98 -35.82 1.11
CA THR C 74 -13.37 -36.76 2.04
C THR C 74 -14.49 -37.55 2.71
N ASN C 75 -14.22 -38.81 3.04
CA ASN C 75 -15.25 -39.58 3.75
C ASN C 75 -14.52 -40.59 4.62
N THR C 76 -14.33 -40.23 5.89
CA THR C 76 -13.58 -41.00 6.87
C THR C 76 -14.51 -41.42 8.01
N SER C 77 -13.90 -41.99 9.06
CA SER C 77 -14.67 -42.54 10.17
C SER C 77 -15.05 -41.48 11.20
N LYS C 78 -14.10 -40.65 11.62
CA LYS C 78 -14.37 -39.68 12.67
C LYS C 78 -15.41 -38.66 12.20
N LEU C 79 -15.22 -38.08 11.01
CA LEU C 79 -16.11 -37.04 10.51
C LEU C 79 -17.19 -37.56 9.57
N GLY C 80 -17.02 -38.74 9.00
CA GLY C 80 -17.98 -39.24 8.03
C GLY C 80 -17.79 -38.61 6.66
N PHE C 81 -18.87 -38.64 5.88
CA PHE C 81 -18.87 -38.08 4.53
C PHE C 81 -18.95 -36.56 4.62
N ARG C 82 -17.96 -35.88 4.03
CA ARG C 82 -17.88 -34.42 4.09
C ARG C 82 -17.62 -33.86 2.71
N ILE C 83 -18.16 -32.67 2.47
CA ILE C 83 -17.96 -31.93 1.23
C ILE C 83 -17.29 -30.62 1.58
N TRP C 84 -16.27 -30.24 0.81
CA TRP C 84 -15.56 -28.98 1.00
C TRP C 84 -15.56 -28.23 -0.33
N ASP C 85 -16.48 -27.28 -0.47
CA ASP C 85 -16.51 -26.39 -1.62
C ASP C 85 -16.04 -25.01 -1.20
N VAL C 86 -16.14 -24.04 -2.12
CA VAL C 86 -15.49 -22.76 -1.93
C VAL C 86 -15.98 -22.10 -0.64
N ALA C 87 -17.25 -22.27 -0.30
CA ALA C 87 -17.79 -21.67 0.91
C ALA C 87 -17.27 -22.34 2.18
N ASP C 88 -16.59 -23.48 2.07
CA ASP C 88 -16.09 -24.21 3.23
C ASP C 88 -14.61 -23.96 3.51
N TYR C 89 -13.78 -23.86 2.48
CA TYR C 89 -12.33 -23.80 2.68
C TYR C 89 -11.74 -22.41 2.44
N VAL C 90 -12.55 -21.43 2.07
CA VAL C 90 -12.08 -20.05 1.96
C VAL C 90 -12.63 -19.29 3.16
N ILE C 91 -11.73 -18.86 4.05
CA ILE C 91 -12.10 -18.21 5.29
C ILE C 91 -11.22 -16.97 5.45
N PRO C 92 -11.79 -15.75 5.55
CA PRO C 92 -13.21 -15.39 5.42
C PRO C 92 -13.65 -15.37 3.96
N ALA C 93 -14.94 -15.13 3.74
CA ALA C 93 -15.47 -15.14 2.38
C ALA C 93 -14.72 -14.16 1.48
N GLN C 94 -14.22 -13.06 2.04
CA GLN C 94 -13.57 -12.03 1.27
C GLN C 94 -12.39 -11.45 2.04
N GLU C 95 -11.38 -11.01 1.28
CA GLU C 95 -10.21 -10.36 1.85
C GLU C 95 -9.62 -9.43 0.79
N GLU C 96 -8.76 -8.51 1.24
CA GLU C 96 -8.16 -7.51 0.36
C GLU C 96 -6.76 -7.97 -0.04
N ASN C 97 -6.55 -8.14 -1.35
CA ASN C 97 -5.26 -8.54 -1.90
C ASN C 97 -4.77 -9.87 -1.33
N SER C 98 -5.70 -10.72 -0.90
CA SER C 98 -5.32 -11.94 -0.21
C SER C 98 -6.45 -12.95 -0.32
N LEU C 99 -6.11 -14.22 -0.08
CA LEU C 99 -7.08 -15.29 -0.10
C LEU C 99 -6.47 -16.49 0.61
N PHE C 100 -7.17 -17.01 1.62
CA PHE C 100 -6.71 -18.15 2.40
C PHE C 100 -7.46 -19.40 1.96
N VAL C 101 -6.72 -20.47 1.68
CA VAL C 101 -7.30 -21.77 1.34
C VAL C 101 -6.91 -22.75 2.44
N MET C 102 -7.90 -23.37 3.06
CA MET C 102 -7.65 -24.33 4.12
C MET C 102 -7.21 -25.66 3.52
N THR C 103 -6.10 -26.21 4.03
CA THR C 103 -5.56 -27.46 3.55
C THR C 103 -5.49 -28.55 4.62
N ASN C 104 -5.45 -28.20 5.90
CA ASN C 104 -5.50 -29.16 6.99
C ASN C 104 -6.44 -28.63 8.06
N VAL C 105 -7.00 -29.53 8.85
CA VAL C 105 -8.05 -29.13 9.80
C VAL C 105 -7.99 -30.03 11.03
N ILE C 106 -8.26 -29.43 12.19
CA ILE C 106 -8.57 -30.14 13.41
C ILE C 106 -9.90 -29.59 13.93
N LEU C 107 -10.82 -30.48 14.26
CA LEU C 107 -12.19 -30.10 14.62
C LEU C 107 -12.49 -30.54 16.06
N THR C 108 -13.23 -29.71 16.77
CA THR C 108 -13.76 -30.02 18.10
C THR C 108 -15.23 -29.67 18.11
N MET C 109 -16.09 -30.69 18.16
CA MET C 109 -17.53 -30.51 18.06
C MET C 109 -18.17 -30.51 19.44
N ASN C 110 -19.30 -29.82 19.57
CA ASN C 110 -20.00 -29.71 20.85
C ASN C 110 -19.09 -29.24 21.98
N GLN C 111 -18.65 -27.99 21.88
CA GLN C 111 -18.03 -27.33 23.01
C GLN C 111 -19.06 -26.46 23.72
N THR C 112 -19.04 -26.51 25.04
CA THR C 112 -19.89 -25.66 25.87
C THR C 112 -19.01 -24.94 26.88
N GLN C 113 -19.48 -23.78 27.34
CA GLN C 113 -18.75 -23.00 28.32
C GLN C 113 -18.91 -23.63 29.70
N GLY C 114 -17.78 -23.92 30.35
CA GLY C 114 -17.79 -24.56 31.65
C GLY C 114 -16.40 -24.87 32.18
N LEU C 115 -16.30 -25.91 32.99
CA LEU C 115 -15.04 -26.33 33.59
C LEU C 115 -14.69 -27.73 33.10
N CYS C 116 -13.41 -27.95 32.79
CA CYS C 116 -12.97 -29.22 32.24
C CYS C 116 -11.48 -29.38 32.53
N PRO C 117 -10.97 -30.60 32.48
CA PRO C 117 -9.52 -30.80 32.56
C PRO C 117 -8.82 -30.44 31.27
N GLU C 118 -7.52 -30.21 31.38
CA GLU C 118 -6.67 -29.92 30.23
C GLU C 118 -6.20 -31.22 29.57
N ILE C 119 -5.51 -31.08 28.46
CA ILE C 119 -4.91 -32.23 27.79
C ILE C 119 -3.63 -32.63 28.53
N PRO C 120 -3.47 -33.89 28.93
CA PRO C 120 -2.30 -34.27 29.72
C PRO C 120 -1.00 -33.96 29.00
N ASP C 121 -0.08 -33.33 29.72
CA ASP C 121 1.29 -33.13 29.26
C ASP C 121 2.17 -32.88 30.48
N ALA C 122 3.41 -32.45 30.24
CA ALA C 122 4.32 -32.21 31.35
C ALA C 122 3.83 -31.08 32.25
N THR C 123 3.35 -29.99 31.63
CA THR C 123 2.96 -28.82 32.41
C THR C 123 1.61 -29.02 33.12
N THR C 124 0.63 -29.60 32.44
CA THR C 124 -0.72 -29.66 33.00
C THR C 124 -0.90 -30.79 34.00
N VAL C 125 -0.20 -31.92 33.82
CA VAL C 125 -0.41 -33.05 34.72
C VAL C 125 -0.09 -32.65 36.15
N CYS C 126 -0.90 -33.14 37.09
CA CYS C 126 -0.80 -32.73 38.48
C CYS C 126 -1.29 -33.87 39.37
N LYS C 127 -1.00 -33.73 40.67
CA LYS C 127 -1.43 -34.71 41.69
C LYS C 127 -1.60 -34.00 43.03
N SER C 128 -2.72 -34.18 43.71
CA SER C 128 -2.99 -33.66 45.06
C SER C 128 -3.46 -32.20 45.05
N ASP C 129 -3.62 -31.57 43.89
CA ASP C 129 -4.16 -30.21 43.82
C ASP C 129 -3.24 -29.22 44.53
N ALA C 130 -1.94 -29.31 44.25
CA ALA C 130 -0.95 -28.44 44.86
C ALA C 130 -0.19 -27.60 43.85
N SER C 131 0.15 -28.16 42.70
CA SER C 131 0.88 -27.39 41.68
C SER C 131 -0.04 -26.42 40.96
N CYS C 132 -1.34 -26.72 40.89
CA CYS C 132 -2.27 -25.88 40.17
C CYS C 132 -2.34 -24.49 40.80
N THR C 133 -2.31 -23.46 39.95
CA THR C 133 -2.37 -22.07 40.37
C THR C 133 -3.57 -21.41 39.73
N ALA C 134 -4.41 -20.77 40.55
CA ALA C 134 -5.61 -20.12 40.04
C ALA C 134 -5.23 -18.90 39.22
N GLY C 135 -5.90 -18.73 38.09
CA GLY C 135 -5.69 -17.60 37.21
C GLY C 135 -4.59 -17.79 36.18
N SER C 136 -3.83 -18.88 36.25
CA SER C 136 -2.74 -19.12 35.32
C SER C 136 -3.29 -19.74 34.04
N ALA C 137 -3.29 -18.97 32.95
CA ALA C 137 -3.90 -19.46 31.71
C ALA C 137 -3.05 -20.54 31.07
N GLY C 138 -1.74 -20.48 31.26
CA GLY C 138 -0.85 -21.46 30.67
C GLY C 138 -0.60 -21.19 29.21
N THR C 139 0.22 -22.02 28.59
CA THR C 139 0.55 -21.83 27.18
C THR C 139 -0.70 -21.94 26.33
N HIS C 140 -1.61 -22.82 26.71
CA HIS C 140 -2.83 -23.00 25.95
C HIS C 140 -3.56 -21.69 25.85
N SER C 141 -3.64 -20.96 26.96
CA SER C 141 -4.37 -19.70 26.99
C SER C 141 -5.77 -19.93 26.43
N ASN C 142 -6.26 -21.16 26.55
CA ASN C 142 -7.59 -21.50 26.05
C ASN C 142 -8.58 -21.37 27.19
N GLY C 143 -8.07 -21.41 28.41
CA GLY C 143 -8.94 -21.30 29.57
C GLY C 143 -8.16 -20.79 30.75
N VAL C 144 -8.87 -20.37 31.79
CA VAL C 144 -8.21 -19.86 32.99
C VAL C 144 -8.19 -20.94 34.05
N SER C 145 -7.04 -21.20 34.62
CA SER C 145 -6.92 -22.25 35.62
C SER C 145 -7.69 -21.89 36.88
N THR C 146 -8.46 -22.83 37.40
CA THR C 146 -9.28 -22.63 38.58
C THR C 146 -8.55 -22.96 39.88
N GLY C 147 -7.34 -23.51 39.81
CA GLY C 147 -6.60 -23.89 40.99
C GLY C 147 -6.89 -25.28 41.51
N ARG C 148 -7.77 -26.03 40.85
CA ARG C 148 -8.09 -27.39 41.24
C ARG C 148 -7.45 -28.37 40.25
N CYS C 149 -7.18 -29.58 40.73
CA CYS C 149 -6.53 -30.61 39.94
C CYS C 149 -7.49 -31.80 39.84
N VAL C 150 -8.08 -31.98 38.66
CA VAL C 150 -9.14 -32.96 38.47
C VAL C 150 -8.66 -34.08 37.56
N ALA C 151 -9.51 -35.08 37.35
CA ALA C 151 -9.12 -36.28 36.61
C ALA C 151 -9.49 -36.15 35.14
N PHE C 152 -8.48 -36.13 34.28
CA PHE C 152 -8.73 -36.20 32.84
C PHE C 152 -9.40 -37.52 32.47
N ASN C 153 -8.90 -38.62 33.02
CA ASN C 153 -9.47 -39.94 32.80
C ASN C 153 -9.02 -40.83 33.96
N GLY C 154 -9.16 -42.14 33.80
CA GLY C 154 -8.91 -43.06 34.90
C GLY C 154 -7.44 -43.23 35.27
N SER C 155 -6.52 -42.70 34.47
CA SER C 155 -5.10 -42.94 34.68
C SER C 155 -4.26 -41.68 34.88
N VAL C 156 -4.79 -40.50 34.64
CA VAL C 156 -4.02 -39.26 34.78
C VAL C 156 -4.94 -38.15 35.28
N LYS C 157 -4.33 -37.20 36.00
CA LYS C 157 -5.03 -36.04 36.55
C LYS C 157 -4.39 -34.78 36.01
N THR C 158 -5.20 -33.81 35.61
CA THR C 158 -4.72 -32.56 35.06
C THR C 158 -5.40 -31.39 35.75
N CYS C 159 -4.85 -30.20 35.53
CA CYS C 159 -5.40 -28.99 36.12
C CYS C 159 -6.70 -28.59 35.42
N GLU C 160 -7.70 -28.24 36.21
CA GLU C 160 -8.98 -27.81 35.68
C GLU C 160 -8.91 -26.37 35.19
N VAL C 161 -9.59 -26.08 34.09
CA VAL C 161 -9.62 -24.74 33.51
C VAL C 161 -11.05 -24.35 33.21
N ALA C 162 -11.28 -23.04 33.18
CA ALA C 162 -12.53 -22.47 32.69
C ALA C 162 -12.34 -22.15 31.21
N ALA C 163 -13.05 -22.88 30.36
CA ALA C 163 -12.88 -22.73 28.91
C ALA C 163 -14.13 -23.28 28.23
N TRP C 164 -14.12 -23.23 26.90
CA TRP C 164 -15.05 -24.04 26.12
C TRP C 164 -14.62 -25.50 26.22
N CYS C 165 -15.54 -26.36 26.60
CA CYS C 165 -15.19 -27.73 26.97
C CYS C 165 -15.93 -28.73 26.09
N PRO C 166 -15.27 -29.84 25.70
CA PRO C 166 -13.89 -30.22 26.01
C PRO C 166 -12.86 -29.41 25.23
N VAL C 167 -11.66 -29.27 25.79
CA VAL C 167 -10.63 -28.46 25.16
C VAL C 167 -10.11 -29.14 23.90
N GLU C 168 -9.60 -28.33 22.97
CA GLU C 168 -9.07 -28.83 21.72
C GLU C 168 -7.78 -29.62 21.96
N ASP C 169 -7.59 -30.66 21.14
CA ASP C 169 -6.38 -31.48 21.16
C ASP C 169 -5.71 -31.36 19.79
N ASP C 170 -4.68 -30.53 19.70
CA ASP C 170 -4.00 -30.25 18.44
C ASP C 170 -2.59 -30.83 18.40
N THR C 171 -2.37 -31.93 19.12
CA THR C 171 -1.04 -32.55 19.19
C THR C 171 -0.76 -33.49 18.02
N HIS C 172 -1.78 -33.90 17.27
CA HIS C 172 -1.62 -34.80 16.13
C HIS C 172 -2.20 -34.12 14.90
N VAL C 173 -1.36 -33.37 14.20
CA VAL C 173 -1.78 -32.76 12.92
C VAL C 173 -1.89 -33.86 11.86
N PRO C 174 -2.99 -33.94 11.11
CA PRO C 174 -3.12 -35.01 10.13
C PRO C 174 -1.99 -34.99 9.10
N GLN C 175 -1.54 -36.19 8.73
CA GLN C 175 -0.46 -36.36 7.76
C GLN C 175 -0.79 -37.55 6.86
N PRO C 176 -0.96 -37.36 5.54
CA PRO C 176 -0.89 -36.11 4.76
C PRO C 176 -2.04 -35.16 5.05
N ALA C 177 -1.98 -33.96 4.46
CA ALA C 177 -2.97 -32.93 4.75
C ALA C 177 -4.38 -33.44 4.48
N PHE C 178 -5.33 -32.98 5.29
CA PHE C 178 -6.71 -33.45 5.16
C PHE C 178 -7.30 -33.09 3.82
N LEU C 179 -7.19 -31.82 3.42
CA LEU C 179 -7.63 -31.37 2.10
C LEU C 179 -6.44 -31.26 1.15
N LYS C 180 -5.83 -32.41 0.88
CA LYS C 180 -4.71 -32.46 -0.06
C LYS C 180 -5.17 -32.34 -1.51
N ALA C 181 -6.47 -32.49 -1.77
CA ALA C 181 -7.00 -32.32 -3.11
C ALA C 181 -7.01 -30.87 -3.56
N ALA C 182 -6.72 -29.92 -2.67
CA ALA C 182 -6.63 -28.52 -3.04
C ALA C 182 -5.47 -28.25 -3.99
N GLU C 183 -4.58 -29.21 -4.20
CA GLU C 183 -3.47 -29.05 -5.12
C GLU C 183 -3.94 -28.70 -6.52
N ASN C 184 -5.07 -29.26 -6.95
CA ASN C 184 -5.63 -28.99 -8.27
C ASN C 184 -6.73 -27.93 -8.30
N PHE C 185 -6.98 -27.23 -7.20
CA PHE C 185 -7.83 -26.04 -7.29
C PHE C 185 -7.14 -24.98 -8.13
N THR C 186 -7.94 -24.09 -8.73
CA THR C 186 -7.43 -23.03 -9.58
C THR C 186 -7.85 -21.68 -9.03
N LEU C 187 -6.94 -20.71 -9.12
CA LEU C 187 -7.16 -19.36 -8.62
C LEU C 187 -7.15 -18.38 -9.79
N LEU C 188 -8.15 -17.51 -9.84
CA LEU C 188 -8.22 -16.44 -10.83
C LEU C 188 -7.83 -15.13 -10.17
N VAL C 189 -6.94 -14.39 -10.80
CA VAL C 189 -6.50 -13.08 -10.31
C VAL C 189 -6.82 -12.05 -11.38
N LYS C 190 -7.75 -11.15 -11.07
CA LYS C 190 -8.07 -10.02 -11.93
C LYS C 190 -7.47 -8.76 -11.32
N ASN C 191 -6.68 -8.05 -12.09
CA ASN C 191 -5.92 -6.91 -11.60
C ASN C 191 -6.15 -5.70 -12.50
N ASN C 192 -6.59 -4.60 -11.89
CA ASN C 192 -6.76 -3.32 -12.56
C ASN C 192 -5.75 -2.34 -11.99
N ILE C 193 -4.95 -1.71 -12.84
CA ILE C 193 -3.90 -0.81 -12.40
C ILE C 193 -4.18 0.60 -12.92
N TRP C 194 -3.57 1.57 -12.25
CA TRP C 194 -3.80 2.97 -12.54
C TRP C 194 -2.55 3.76 -12.19
N TYR C 195 -2.08 4.58 -13.14
CA TYR C 195 -0.98 5.51 -12.92
C TYR C 195 -1.55 6.92 -12.87
N PRO C 196 -1.84 7.45 -11.68
CA PRO C 196 -2.53 8.76 -11.63
C PRO C 196 -1.76 9.89 -12.29
N LYS C 197 -0.43 9.90 -12.20
CA LYS C 197 0.33 11.01 -12.76
C LYS C 197 0.11 11.14 -14.27
N PHE C 198 0.18 10.02 -14.98
CA PHE C 198 -0.09 9.99 -16.41
C PHE C 198 -1.56 9.64 -16.70
N ASN C 199 -2.33 9.38 -15.66
CA ASN C 199 -3.74 9.02 -15.74
C ASN C 199 -3.93 7.93 -16.81
N PHE C 200 -3.28 6.80 -16.55
CA PHE C 200 -3.25 5.67 -17.45
C PHE C 200 -3.78 4.44 -16.72
N SER C 201 -4.70 3.71 -17.34
CA SER C 201 -5.35 2.56 -16.74
C SER C 201 -5.23 1.35 -17.64
N LYS C 202 -5.05 0.19 -17.02
CA LYS C 202 -5.03 -1.08 -17.75
C LYS C 202 -5.38 -2.20 -16.78
N ARG C 203 -5.90 -3.29 -17.34
CA ARG C 203 -6.20 -4.48 -16.58
C ARG C 203 -5.41 -5.66 -17.15
N ASN C 204 -5.18 -6.66 -16.30
CA ASN C 204 -4.25 -7.74 -16.65
C ASN C 204 -4.84 -8.72 -17.65
N ILE C 205 -6.14 -8.65 -17.94
CA ILE C 205 -6.73 -9.41 -19.04
C ILE C 205 -6.53 -8.55 -20.29
N LEU C 206 -5.58 -8.95 -21.13
CA LEU C 206 -5.16 -8.10 -22.23
C LEU C 206 -6.22 -8.06 -23.32
N PRO C 207 -6.13 -7.06 -24.22
CA PRO C 207 -7.14 -6.97 -25.29
C PRO C 207 -7.20 -8.17 -26.21
N ASN C 208 -6.14 -8.96 -26.38
CA ASN C 208 -6.24 -10.11 -27.26
C ASN C 208 -6.66 -11.37 -26.52
N ILE C 209 -6.88 -11.29 -25.21
CA ILE C 209 -7.30 -12.44 -24.40
C ILE C 209 -8.82 -12.51 -24.42
N THR C 210 -9.36 -13.51 -25.12
CA THR C 210 -10.80 -13.62 -25.36
C THR C 210 -11.49 -14.41 -24.25
N THR C 211 -12.82 -14.45 -24.33
CA THR C 211 -13.62 -15.19 -23.35
C THR C 211 -13.50 -16.69 -23.54
N THR C 212 -13.44 -17.15 -24.80
CA THR C 212 -13.29 -18.58 -25.05
C THR C 212 -11.96 -19.10 -24.52
N TYR C 213 -10.89 -18.34 -24.70
CA TYR C 213 -9.58 -18.76 -24.22
C TYR C 213 -9.55 -18.84 -22.70
N LEU C 214 -10.18 -17.88 -22.02
CA LEU C 214 -10.17 -17.83 -20.56
C LEU C 214 -11.00 -18.93 -19.92
N LYS C 215 -11.78 -19.68 -20.70
CA LYS C 215 -12.60 -20.73 -20.13
C LYS C 215 -11.82 -21.99 -19.81
N SER C 216 -10.64 -22.19 -20.40
CA SER C 216 -9.89 -23.43 -20.20
C SER C 216 -8.39 -23.23 -20.05
N CYS C 217 -7.91 -22.00 -19.90
CA CYS C 217 -6.47 -21.77 -19.84
C CYS C 217 -5.94 -21.95 -18.42
N ILE C 218 -4.68 -22.35 -18.35
CA ILE C 218 -3.93 -22.40 -17.10
C ILE C 218 -2.59 -21.71 -17.34
N TYR C 219 -2.16 -20.89 -16.38
CA TYR C 219 -0.94 -20.12 -16.56
C TYR C 219 0.27 -21.02 -16.76
N ASP C 220 1.09 -20.68 -17.75
CA ASP C 220 2.40 -21.30 -17.94
C ASP C 220 3.37 -20.20 -18.36
N ALA C 221 4.56 -20.21 -17.75
CA ALA C 221 5.53 -19.16 -18.04
C ALA C 221 5.96 -19.15 -19.50
N LYS C 222 5.89 -20.30 -20.17
CA LYS C 222 6.35 -20.43 -21.55
C LYS C 222 5.21 -20.44 -22.56
N THR C 223 4.15 -21.20 -22.30
CA THR C 223 3.08 -21.40 -23.29
C THR C 223 1.90 -20.46 -23.10
N ASP C 224 1.55 -20.11 -21.87
CA ASP C 224 0.40 -19.25 -21.57
C ASP C 224 0.82 -18.18 -20.58
N PRO C 225 1.71 -17.27 -20.98
CA PRO C 225 2.24 -16.29 -20.02
C PRO C 225 1.26 -15.22 -19.59
N PHE C 226 0.05 -15.18 -20.15
CA PHE C 226 -0.91 -14.13 -19.83
C PHE C 226 -2.28 -14.68 -19.43
N CYS C 227 -2.39 -15.97 -19.14
CA CYS C 227 -3.60 -16.50 -18.55
C CYS C 227 -3.61 -16.19 -17.05
N PRO C 228 -4.61 -15.47 -16.54
CA PRO C 228 -4.57 -15.07 -15.13
C PRO C 228 -5.10 -16.13 -14.17
N ILE C 229 -5.18 -17.38 -14.63
CA ILE C 229 -5.74 -18.48 -13.85
C ILE C 229 -4.59 -19.43 -13.50
N PHE C 230 -4.35 -19.61 -12.20
CA PHE C 230 -3.22 -20.39 -11.70
C PHE C 230 -3.71 -21.60 -10.91
N ARG C 231 -3.03 -22.72 -11.09
CA ARG C 231 -3.25 -23.90 -10.25
C ARG C 231 -2.40 -23.79 -9.00
N LEU C 232 -3.00 -24.09 -7.84
CA LEU C 232 -2.33 -23.83 -6.56
C LEU C 232 -1.06 -24.66 -6.42
N GLY C 233 -1.14 -25.95 -6.73
CA GLY C 233 0.05 -26.78 -6.65
C GLY C 233 1.17 -26.26 -7.53
N LYS C 234 0.82 -25.80 -8.73
CA LYS C 234 1.83 -25.23 -9.63
C LYS C 234 2.36 -23.90 -9.11
N ILE C 235 1.51 -23.09 -8.45
CA ILE C 235 2.00 -21.86 -7.84
C ILE C 235 3.08 -22.18 -6.82
N VAL C 236 2.82 -23.17 -5.96
CA VAL C 236 3.81 -23.52 -4.95
C VAL C 236 5.06 -24.11 -5.59
N GLU C 237 4.89 -24.93 -6.63
CA GLU C 237 6.03 -25.55 -7.29
C GLU C 237 6.93 -24.51 -7.96
N ASN C 238 6.34 -23.50 -8.60
CA ASN C 238 7.15 -22.49 -9.28
C ASN C 238 7.92 -21.62 -8.29
N ALA C 239 7.54 -21.61 -7.02
CA ALA C 239 8.30 -20.90 -6.00
C ALA C 239 9.45 -21.72 -5.45
N GLY C 240 9.62 -22.95 -5.90
CA GLY C 240 10.69 -23.80 -5.42
C GLY C 240 10.36 -24.66 -4.24
N HIS C 241 9.09 -25.02 -4.05
CA HIS C 241 8.65 -25.75 -2.87
C HIS C 241 7.69 -26.85 -3.31
N SER C 242 7.22 -27.62 -2.32
CA SER C 242 6.32 -28.74 -2.55
C SER C 242 4.98 -28.44 -1.89
N PHE C 243 3.90 -28.62 -2.64
CA PHE C 243 2.57 -28.29 -2.11
C PHE C 243 2.16 -29.24 -1.00
N GLN C 244 2.44 -30.53 -1.14
CA GLN C 244 2.02 -31.48 -0.13
C GLN C 244 2.76 -31.26 1.18
N ASP C 245 4.05 -30.93 1.12
CA ASP C 245 4.79 -30.59 2.33
C ASP C 245 4.25 -29.33 2.98
N MET C 246 3.94 -28.32 2.17
CA MET C 246 3.49 -27.03 2.69
C MET C 246 2.04 -27.07 3.19
N ALA C 247 1.27 -28.08 2.79
CA ALA C 247 -0.14 -28.14 3.15
C ALA C 247 -0.38 -28.72 4.53
N VAL C 248 0.62 -29.38 5.13
CA VAL C 248 0.41 -29.99 6.44
C VAL C 248 0.31 -28.93 7.53
N GLU C 249 1.21 -27.95 7.52
CA GLU C 249 1.19 -26.90 8.53
C GLU C 249 0.85 -25.52 7.99
N GLY C 250 0.73 -25.37 6.68
CA GLY C 250 0.37 -24.08 6.09
C GLY C 250 1.57 -23.22 5.79
N GLY C 251 1.28 -22.06 5.21
CA GLY C 251 2.33 -21.12 4.86
C GLY C 251 1.75 -19.92 4.15
N ILE C 252 2.64 -19.04 3.70
CA ILE C 252 2.27 -17.84 2.97
C ILE C 252 2.97 -17.85 1.63
N MET C 253 2.20 -17.68 0.56
CA MET C 253 2.71 -17.70 -0.80
C MET C 253 2.43 -16.35 -1.45
N GLY C 254 3.47 -15.77 -2.06
CA GLY C 254 3.34 -14.50 -2.74
C GLY C 254 3.23 -14.67 -4.23
N ILE C 255 2.14 -14.16 -4.80
CA ILE C 255 1.97 -14.03 -6.24
C ILE C 255 2.17 -12.55 -6.54
N GLN C 256 3.30 -12.21 -7.14
CA GLN C 256 3.66 -10.82 -7.37
C GLN C 256 3.54 -10.48 -8.85
N VAL C 257 2.86 -9.38 -9.14
CA VAL C 257 2.60 -8.92 -10.49
C VAL C 257 3.42 -7.65 -10.72
N ASN C 258 4.28 -7.67 -11.73
CA ASN C 258 5.14 -6.54 -12.05
C ASN C 258 4.57 -5.79 -13.25
N TRP C 259 4.39 -4.48 -13.10
CA TRP C 259 3.83 -3.65 -14.15
C TRP C 259 4.81 -2.57 -14.57
N ASP C 260 6.07 -2.95 -14.79
CA ASP C 260 7.07 -1.99 -15.27
C ASP C 260 6.75 -1.66 -16.71
N CYS C 261 6.34 -0.43 -16.98
CA CYS C 261 5.90 -0.05 -18.30
C CYS C 261 6.60 1.24 -18.74
N ASN C 262 6.77 1.38 -20.06
CA ASN C 262 7.33 2.57 -20.67
C ASN C 262 6.21 3.23 -21.47
N LEU C 263 5.62 4.28 -20.90
CA LEU C 263 4.47 4.94 -21.53
C LEU C 263 4.86 5.86 -22.67
N ASP C 264 6.13 5.86 -23.08
CA ASP C 264 6.49 6.49 -24.35
C ASP C 264 6.06 5.65 -25.54
N ARG C 265 5.88 4.35 -25.34
CA ARG C 265 5.53 3.42 -26.40
C ARG C 265 4.03 3.12 -26.36
N ALA C 266 3.60 2.21 -27.24
CA ALA C 266 2.20 1.86 -27.30
C ALA C 266 1.74 1.20 -26.01
N ALA C 267 0.48 1.47 -25.64
CA ALA C 267 -0.08 0.86 -24.44
C ALA C 267 -0.12 -0.66 -24.54
N SER C 268 -0.10 -1.21 -25.76
CA SER C 268 -0.14 -2.65 -25.92
C SER C 268 1.10 -3.35 -25.36
N LEU C 269 2.17 -2.61 -25.11
CA LEU C 269 3.40 -3.17 -24.58
C LEU C 269 3.50 -3.06 -23.06
N CYS C 270 2.51 -2.45 -22.40
CA CYS C 270 2.46 -2.42 -20.94
C CYS C 270 1.85 -3.72 -20.47
N LEU C 271 2.71 -4.68 -20.11
CA LEU C 271 2.28 -6.05 -19.87
C LEU C 271 2.63 -6.48 -18.44
N PRO C 272 1.83 -7.37 -17.84
CA PRO C 272 2.17 -7.88 -16.51
C PRO C 272 3.11 -9.07 -16.56
N ARG C 273 4.01 -9.12 -15.58
CA ARG C 273 4.97 -10.20 -15.41
C ARG C 273 4.73 -10.87 -14.07
N TYR C 274 4.64 -12.19 -14.06
CA TYR C 274 4.27 -12.96 -12.87
C TYR C 274 5.46 -13.72 -12.33
N SER C 275 5.64 -13.67 -11.01
CA SER C 275 6.64 -14.47 -10.32
C SER C 275 6.05 -14.91 -8.98
N PHE C 276 6.68 -15.91 -8.38
CA PHE C 276 6.14 -16.55 -7.18
C PHE C 276 7.25 -16.71 -6.15
N ARG C 277 6.94 -16.35 -4.91
CA ARG C 277 7.92 -16.36 -3.83
C ARG C 277 7.23 -16.74 -2.53
N ARG C 278 7.80 -17.70 -1.80
CA ARG C 278 7.28 -18.06 -0.49
C ARG C 278 7.64 -16.98 0.52
N LEU C 279 6.65 -16.57 1.32
CA LEU C 279 6.81 -15.43 2.22
C LEU C 279 7.04 -15.83 3.66
N ASP C 280 6.82 -17.09 4.03
CA ASP C 280 7.12 -17.57 5.37
C ASP C 280 8.37 -18.43 5.34
N THR C 281 9.00 -18.58 6.51
CA THR C 281 10.31 -19.19 6.63
C THR C 281 10.24 -20.45 7.48
N ARG C 282 11.02 -21.46 7.09
CA ARG C 282 11.18 -22.69 7.86
C ARG C 282 12.47 -22.58 8.65
N ASP C 283 12.35 -22.44 9.98
CA ASP C 283 13.51 -22.31 10.85
C ASP C 283 13.10 -22.78 12.24
N VAL C 284 13.45 -24.01 12.59
CA VAL C 284 13.01 -24.59 13.86
C VAL C 284 13.73 -24.01 15.06
N GLU C 285 14.78 -23.22 14.84
CA GLU C 285 15.55 -22.64 15.93
C GLU C 285 15.35 -21.14 16.08
N HIS C 286 14.78 -20.47 15.08
CA HIS C 286 14.60 -19.02 15.10
C HIS C 286 13.22 -18.65 14.61
N ASN C 287 12.18 -19.31 15.16
CA ASN C 287 10.82 -19.04 14.72
C ASN C 287 9.86 -19.22 15.88
N VAL C 288 8.68 -18.60 15.74
CA VAL C 288 7.58 -18.77 16.66
C VAL C 288 6.30 -18.84 15.82
N SER C 289 5.43 -19.80 16.15
CA SER C 289 4.22 -20.05 15.38
C SER C 289 4.56 -20.35 13.93
N PRO C 290 5.22 -21.47 13.65
CA PRO C 290 5.59 -21.79 12.26
C PRO C 290 4.37 -22.18 11.44
N GLY C 291 4.57 -22.18 10.11
CA GLY C 291 3.47 -22.47 9.22
C GLY C 291 2.46 -21.34 9.18
N TYR C 292 1.19 -21.71 9.12
CA TYR C 292 0.12 -20.71 9.13
C TYR C 292 -1.17 -21.38 9.55
N ASN C 293 -1.78 -20.89 10.62
CA ASN C 293 -3.05 -21.42 11.09
C ASN C 293 -3.76 -20.36 11.91
N PHE C 294 -5.07 -20.54 12.06
CA PHE C 294 -5.88 -19.71 12.93
C PHE C 294 -7.11 -20.50 13.34
N ARG C 295 -7.79 -20.01 14.36
CA ARG C 295 -8.97 -20.67 14.91
C ARG C 295 -10.21 -19.85 14.64
N PHE C 296 -11.28 -20.51 14.20
CA PHE C 296 -12.59 -19.91 14.10
C PHE C 296 -13.62 -20.97 14.49
N ALA C 297 -14.84 -20.52 14.76
CA ALA C 297 -15.86 -21.40 15.29
C ALA C 297 -17.18 -21.19 14.56
N LYS C 298 -17.99 -22.25 14.56
CA LYS C 298 -19.39 -22.20 14.15
C LYS C 298 -20.26 -22.31 15.40
N TYR C 299 -21.22 -21.41 15.53
CA TYR C 299 -21.99 -21.29 16.75
C TYR C 299 -23.39 -21.87 16.57
N TYR C 300 -23.83 -22.65 17.54
CA TYR C 300 -25.15 -23.27 17.55
C TYR C 300 -25.86 -22.92 18.86
N ARG C 301 -27.00 -23.55 19.08
CA ARG C 301 -27.85 -23.21 20.21
C ARG C 301 -28.62 -24.45 20.62
N ASP C 302 -28.57 -24.77 21.91
CA ASP C 302 -29.30 -25.92 22.42
C ASP C 302 -30.81 -25.62 22.45
N LEU C 303 -31.60 -26.68 22.58
CA LEU C 303 -33.05 -26.51 22.64
C LEU C 303 -33.45 -25.56 23.77
N ALA C 304 -32.69 -25.56 24.87
CA ALA C 304 -32.95 -24.66 25.98
C ALA C 304 -32.36 -23.27 25.78
N GLY C 305 -31.63 -23.05 24.68
CA GLY C 305 -31.00 -21.77 24.42
C GLY C 305 -29.55 -21.69 24.85
N ASN C 306 -28.96 -22.77 25.31
CA ASN C 306 -27.55 -22.76 25.71
C ASN C 306 -26.65 -22.74 24.49
N GLU C 307 -25.55 -22.01 24.60
CA GLU C 307 -24.63 -21.82 23.48
C GLU C 307 -23.73 -23.04 23.30
N GLN C 308 -23.58 -23.47 22.05
CA GLN C 308 -22.65 -24.53 21.68
C GLN C 308 -21.89 -24.09 20.44
N ARG C 309 -20.70 -24.66 20.24
CA ARG C 309 -19.90 -24.28 19.09
C ARG C 309 -19.03 -25.45 18.65
N THR C 310 -18.68 -25.44 17.36
CA THR C 310 -17.65 -26.31 16.81
C THR C 310 -16.42 -25.45 16.57
N LEU C 311 -15.29 -25.85 17.16
CA LEU C 311 -14.05 -25.12 17.00
C LEU C 311 -13.23 -25.75 15.88
N ILE C 312 -12.76 -24.92 14.96
CA ILE C 312 -11.95 -25.37 13.83
C ILE C 312 -10.59 -24.71 13.95
N LYS C 313 -9.54 -25.51 13.99
CA LYS C 313 -8.18 -25.04 13.81
C LYS C 313 -7.80 -25.28 12.36
N ALA C 314 -7.69 -24.21 11.58
CA ALA C 314 -7.52 -24.30 10.14
C ALA C 314 -6.07 -24.01 9.78
N TYR C 315 -5.38 -25.04 9.27
CA TYR C 315 -4.11 -24.85 8.60
C TYR C 315 -4.36 -24.64 7.12
N GLY C 316 -3.54 -23.81 6.50
CA GLY C 316 -3.70 -23.57 5.08
C GLY C 316 -2.66 -22.60 4.58
N ILE C 317 -2.77 -22.30 3.29
CA ILE C 317 -1.83 -21.43 2.59
C ILE C 317 -2.54 -20.13 2.27
N ARG C 318 -1.95 -19.02 2.69
CA ARG C 318 -2.46 -17.69 2.34
C ARG C 318 -1.74 -17.20 1.10
N PHE C 319 -2.50 -16.88 0.06
CA PHE C 319 -1.95 -16.38 -1.20
C PHE C 319 -2.09 -14.87 -1.21
N ASP C 320 -0.96 -14.17 -1.18
CA ASP C 320 -0.92 -12.72 -1.21
C ASP C 320 -0.65 -12.24 -2.62
N ILE C 321 -1.40 -11.25 -3.07
CA ILE C 321 -1.21 -10.65 -4.40
C ILE C 321 -0.45 -9.36 -4.20
N ILE C 322 0.78 -9.32 -4.74
CA ILE C 322 1.69 -8.20 -4.55
C ILE C 322 1.86 -7.53 -5.91
N VAL C 323 1.30 -6.35 -6.07
CA VAL C 323 1.34 -5.62 -7.33
C VAL C 323 2.27 -4.42 -7.15
N PHE C 324 3.31 -4.36 -7.98
CA PHE C 324 4.30 -3.30 -7.92
C PHE C 324 4.73 -2.96 -9.35
N GLY C 325 5.38 -1.83 -9.49
CA GLY C 325 5.90 -1.39 -10.78
C GLY C 325 5.87 0.11 -10.90
N LYS C 326 6.67 0.61 -11.84
CA LYS C 326 6.74 2.03 -12.13
C LYS C 326 6.56 2.24 -13.63
N ALA C 327 5.83 3.29 -13.98
CA ALA C 327 5.71 3.72 -15.36
C ALA C 327 6.66 4.88 -15.62
N GLY C 328 7.08 5.01 -16.87
CA GLY C 328 7.99 6.08 -17.25
C GLY C 328 7.55 6.83 -18.48
N LYS C 329 7.61 8.16 -18.42
CA LYS C 329 7.28 9.01 -19.56
C LYS C 329 8.33 10.10 -19.66
N PHE C 330 8.60 10.54 -20.89
CA PHE C 330 9.59 11.59 -21.10
C PHE C 330 9.19 12.86 -20.38
N ASP C 331 10.14 13.46 -19.68
CA ASP C 331 9.96 14.74 -19.02
C ASP C 331 11.17 15.61 -19.30
N ILE C 332 10.93 16.93 -19.38
CA ILE C 332 12.00 17.84 -19.78
C ILE C 332 12.92 18.17 -18.61
N ILE C 333 12.42 18.12 -17.38
CA ILE C 333 13.20 18.52 -16.21
C ILE C 333 14.38 17.57 -15.99
N PRO C 334 14.16 16.26 -15.87
CA PRO C 334 15.31 15.35 -15.77
C PRO C 334 16.24 15.41 -16.97
N THR C 335 15.68 15.60 -18.17
CA THR C 335 16.50 15.70 -19.37
C THR C 335 17.47 16.87 -19.26
N MET C 336 16.96 18.05 -18.89
CA MET C 336 17.83 19.23 -18.79
C MET C 336 18.78 19.12 -17.62
N ILE C 337 18.36 18.50 -16.51
CA ILE C 337 19.28 18.30 -15.39
C ILE C 337 20.47 17.44 -15.84
N ASN C 338 20.20 16.37 -16.58
CA ASN C 338 21.28 15.51 -17.03
C ASN C 338 22.15 16.20 -18.08
N ILE C 339 21.55 16.99 -18.97
CA ILE C 339 22.33 17.72 -19.96
C ILE C 339 23.27 18.72 -19.27
N GLY C 340 22.75 19.46 -18.30
CA GLY C 340 23.58 20.39 -17.57
C GLY C 340 24.68 19.69 -16.78
N SER C 341 24.35 18.55 -16.16
CA SER C 341 25.35 17.79 -15.44
C SER C 341 26.47 17.33 -16.37
N GLY C 342 26.12 16.85 -17.56
CA GLY C 342 27.15 16.47 -18.51
C GLY C 342 28.00 17.63 -18.97
N LEU C 343 27.37 18.78 -19.21
CA LEU C 343 28.12 19.97 -19.59
C LEU C 343 29.12 20.34 -18.50
N ALA C 344 28.70 20.31 -17.24
CA ALA C 344 29.62 20.60 -16.14
C ALA C 344 30.73 19.55 -16.05
N LEU C 345 30.38 18.28 -16.22
CA LEU C 345 31.36 17.20 -16.09
C LEU C 345 32.38 17.21 -17.22
N LEU C 346 32.07 17.84 -18.35
CA LEU C 346 33.04 17.91 -19.43
C LEU C 346 34.29 18.71 -19.06
N GLY C 347 34.26 19.48 -17.96
CA GLY C 347 35.41 20.25 -17.54
C GLY C 347 36.47 19.47 -16.77
N MET C 348 36.15 18.25 -16.34
CA MET C 348 37.16 17.43 -15.68
C MET C 348 38.32 17.11 -16.62
N ALA C 349 38.01 16.94 -17.91
CA ALA C 349 39.08 16.75 -18.89
C ALA C 349 40.02 17.94 -18.91
N THR C 350 39.46 19.15 -18.90
CA THR C 350 40.28 20.36 -18.88
C THR C 350 41.13 20.40 -17.62
N VAL C 351 40.54 20.07 -16.47
CA VAL C 351 41.28 20.10 -15.21
C VAL C 351 42.47 19.13 -15.27
N LEU C 352 42.20 17.89 -15.68
CA LEU C 352 43.26 16.87 -15.70
C LEU C 352 44.35 17.24 -16.68
N CYS C 353 43.95 17.69 -17.88
CA CYS C 353 44.94 18.08 -18.89
C CYS C 353 45.74 19.29 -18.46
N ASP C 354 45.12 20.22 -17.73
CA ASP C 354 45.87 21.35 -17.18
C ASP C 354 46.90 20.87 -16.17
N ILE C 355 46.52 19.93 -15.30
CA ILE C 355 47.49 19.39 -14.35
C ILE C 355 48.68 18.81 -15.10
N ILE C 356 48.41 18.00 -16.12
CA ILE C 356 49.51 17.38 -16.88
C ILE C 356 50.36 18.45 -17.55
N VAL C 357 49.72 19.43 -18.18
CA VAL C 357 50.44 20.43 -18.96
C VAL C 357 51.32 21.29 -18.05
N LEU C 358 50.86 21.57 -16.85
CA LEU C 358 51.53 22.53 -15.99
C LEU C 358 52.49 21.89 -14.99
N TYR C 359 52.38 20.58 -14.74
CA TYR C 359 53.20 19.93 -13.73
C TYR C 359 53.93 18.68 -14.18
N CYS C 360 53.56 18.08 -15.31
CA CYS C 360 54.17 16.84 -15.79
C CYS C 360 54.60 16.99 -17.25
N MET C 361 55.27 18.09 -17.56
CA MET C 361 55.73 18.36 -18.91
C MET C 361 57.13 18.95 -18.87
N LYS C 362 57.88 18.77 -19.95
CA LYS C 362 59.22 19.33 -20.03
C LYS C 362 59.18 20.84 -20.17
N LYS C 363 58.26 21.36 -21.00
CA LYS C 363 58.11 22.79 -21.22
C LYS C 363 57.05 23.42 -20.32
N ARG C 364 56.83 22.85 -19.13
CA ARG C 364 55.71 23.30 -18.30
C ARG C 364 55.84 24.79 -17.95
N LEU C 365 57.05 25.30 -17.78
CA LEU C 365 57.22 26.72 -17.47
C LEU C 365 56.78 27.60 -18.63
N TYR C 366 57.10 27.20 -19.86
CA TYR C 366 56.67 27.96 -21.02
C TYR C 366 55.14 28.01 -21.11
N TYR C 367 54.48 26.88 -20.88
CA TYR C 367 53.03 26.85 -20.91
C TYR C 367 52.44 27.66 -19.76
N ARG C 368 53.07 27.62 -18.59
CA ARG C 368 52.62 28.42 -17.47
C ARG C 368 52.69 29.91 -17.82
N GLU C 369 53.76 30.32 -18.48
CA GLU C 369 53.88 31.70 -18.91
C GLU C 369 52.81 32.05 -19.95
N LYS C 370 52.52 31.12 -20.86
CA LYS C 370 51.56 31.40 -21.92
C LYS C 370 50.13 31.46 -21.38
N LYS C 371 49.83 30.68 -20.35
CA LYS C 371 48.46 30.55 -19.87
C LYS C 371 48.08 31.61 -18.84
N TYR C 372 48.99 31.97 -17.94
CA TYR C 372 48.69 32.88 -16.84
C TYR C 372 49.32 34.24 -17.08
N LYS C 373 48.56 35.29 -16.81
CA LYS C 373 49.03 36.67 -16.90
C LYS C 373 48.99 37.28 -15.51
N TYR C 374 50.12 37.82 -15.06
CA TYR C 374 50.21 38.43 -13.75
C TYR C 374 49.97 39.93 -13.89
N VAL C 375 48.97 40.44 -13.18
CA VAL C 375 48.61 41.85 -13.23
C VAL C 375 49.48 42.61 -12.24
N GLU C 376 50.25 43.57 -12.74
CA GLU C 376 51.18 44.32 -11.91
C GLU C 376 51.12 45.81 -12.22
#